data_8Q2Z
#
_entry.id   8Q2Z
#
_cell.length_a   79.870
_cell.length_b   178.300
_cell.length_c   58.200
_cell.angle_alpha   90.000
_cell.angle_beta   90.000
_cell.angle_gamma   90.000
#
_symmetry.space_group_name_H-M   'P 21 21 2'
#
loop_
_entity.id
_entity.type
_entity.pdbx_description
1 polymer 'Glycylpeptide N-tetradecanoyltransferase 1'
2 polymer GNLLSKFR
3 non-polymer 'COENZYME A'
4 non-polymer GLYCEROL
5 non-polymer 'CHLORIDE ION'
6 non-polymer 'MAGNESIUM ION'
7 non-polymer 'MYRISTIC ACID'
8 water water
#
loop_
_entity_poly.entity_id
_entity_poly.type
_entity_poly.pdbx_seq_one_letter_code
_entity_poly.pdbx_strand_id
1 'polypeptide(L)'
;GSEFSVGQGPAKTMEEASKRSYQFWDTQPVPKLGEVVNTHGPVEPDKDNIRQEPYTLPQGFTWDALDLGDRGVLKELYTL
LNENYVEDDDNMFRFDYSPEFLLWALRPPGWLPQWHCGVRVVSSRKLVGFISAIPANIHIYDTEKKMVEINFLCVHKKLR
SKRVAPVLIREITRRVHLEGIFQAVYTAGVVLPKPVGTCRYWHRSLNPRKLIEVKFSHLSRNMTMQRTMKLYRLPETPKT
AGLRPMETKDIPVVHQLLTRYLKQFHLTPVMSQEEVEHWFYPQENIIDTFVVENANGEVTDFLSFYTLPSTIMNHPTHKS
LKAAYSFYNVHTQTPLLDLMSDALVLAKMKGFDVFNALDLMENKTFLEKLKFGIGDGNLQYYLYNWKCPSMGAEKVGLVL
Q
;
A,B
2 'polypeptide(L)' GNLLSKFR C,D
#
# COMPACT_ATOMS: atom_id res chain seq x y z
N PRO A 10 -12.99 -21.79 -25.27
CA PRO A 10 -12.88 -21.80 -23.80
C PRO A 10 -13.00 -23.19 -23.20
N ALA A 11 -11.87 -23.77 -22.79
CA ALA A 11 -11.86 -25.10 -22.19
C ALA A 11 -12.28 -25.01 -20.72
N LYS A 12 -13.27 -25.80 -20.33
CA LYS A 12 -13.65 -25.90 -18.93
C LYS A 12 -13.14 -27.18 -18.27
N THR A 13 -12.31 -27.94 -18.99
CA THR A 13 -11.78 -29.22 -18.52
C THR A 13 -10.30 -29.30 -18.88
N MET A 14 -9.51 -29.91 -17.99
CA MET A 14 -8.08 -30.06 -18.26
C MET A 14 -7.80 -30.93 -19.47
N GLU A 15 -8.69 -31.90 -19.74
CA GLU A 15 -8.56 -32.71 -20.96
C GLU A 15 -8.79 -31.87 -22.21
N GLU A 16 -9.85 -31.05 -22.20
CA GLU A 16 -10.03 -30.07 -23.26
C GLU A 16 -8.81 -29.15 -23.38
N ALA A 17 -8.24 -28.75 -22.24
CA ALA A 17 -7.21 -27.73 -22.22
C ALA A 17 -5.92 -28.20 -22.91
N SER A 18 -5.59 -29.49 -22.81
CA SER A 18 -4.38 -29.98 -23.47
C SER A 18 -4.54 -30.04 -24.98
N LYS A 19 -5.77 -30.10 -25.49
CA LYS A 19 -6.04 -30.09 -26.92
C LYS A 19 -6.26 -28.67 -27.45
N ARG A 20 -5.81 -27.65 -26.73
CA ARG A 20 -5.99 -26.26 -27.09
C ARG A 20 -4.62 -25.57 -27.15
N SER A 21 -4.56 -24.47 -27.91
CA SER A 21 -3.41 -23.59 -27.91
C SER A 21 -3.83 -22.21 -27.41
N TYR A 22 -2.93 -21.52 -26.72
CA TYR A 22 -3.25 -20.28 -26.02
C TYR A 22 -2.45 -19.13 -26.63
N GLN A 23 -2.99 -18.54 -27.70
CA GLN A 23 -2.25 -17.50 -28.44
C GLN A 23 -1.86 -16.33 -27.53
N PHE A 24 -2.71 -15.98 -26.56
CA PHE A 24 -2.37 -14.92 -25.61
C PHE A 24 -1.59 -15.44 -24.41
N TRP A 25 -2.14 -16.42 -23.69
CA TRP A 25 -1.50 -16.87 -22.45
C TRP A 25 -0.11 -17.46 -22.68
N ASP A 26 0.18 -17.98 -23.89
CA ASP A 26 1.54 -18.41 -24.17
C ASP A 26 2.55 -17.27 -24.13
N THR A 27 2.11 -16.02 -24.26
CA THR A 27 3.00 -14.87 -24.21
C THR A 27 3.18 -14.33 -22.79
N GLN A 28 2.50 -14.90 -21.81
CA GLN A 28 2.45 -14.31 -20.47
C GLN A 28 3.37 -15.07 -19.51
N PRO A 29 3.80 -14.41 -18.41
CA PRO A 29 4.71 -15.11 -17.47
C PRO A 29 3.95 -16.03 -16.53
N VAL A 30 3.42 -17.11 -17.10
CA VAL A 30 2.77 -18.18 -16.34
C VAL A 30 3.39 -19.49 -16.79
N PRO A 31 3.35 -20.52 -15.96
CA PRO A 31 3.87 -21.82 -16.38
C PRO A 31 3.00 -22.42 -17.48
N LYS A 32 3.62 -23.30 -18.27
CA LYS A 32 2.86 -24.02 -19.28
C LYS A 32 1.96 -25.08 -18.65
N LEU A 33 0.80 -25.30 -19.28
CA LEU A 33 -0.08 -26.39 -18.87
C LEU A 33 0.65 -27.72 -18.98
N GLY A 34 0.41 -28.60 -18.02
CA GLY A 34 1.02 -29.91 -18.04
C GLY A 34 2.49 -29.96 -17.66
N GLU A 35 3.15 -28.84 -17.44
CA GLU A 35 4.49 -28.87 -16.89
C GLU A 35 4.39 -28.96 -15.37
N VAL A 36 5.16 -29.86 -14.78
CA VAL A 36 5.17 -30.02 -13.34
C VAL A 36 6.22 -29.07 -12.75
N VAL A 37 5.79 -28.24 -11.81
CA VAL A 37 6.64 -27.19 -11.25
C VAL A 37 7.22 -27.68 -9.94
N ASN A 38 8.54 -27.59 -9.79
CA ASN A 38 9.15 -27.92 -8.52
C ASN A 38 9.89 -26.76 -7.87
N THR A 39 9.90 -25.59 -8.49
CA THR A 39 10.57 -24.41 -7.96
C THR A 39 9.54 -23.43 -7.40
N HIS A 40 10.04 -22.34 -6.80
CA HIS A 40 9.18 -21.33 -6.16
C HIS A 40 9.76 -19.95 -6.46
N GLY A 41 9.10 -19.19 -7.32
CA GLY A 41 9.54 -17.83 -7.53
C GLY A 41 8.99 -17.18 -8.78
N PRO A 42 9.46 -15.97 -9.07
CA PRO A 42 8.96 -15.22 -10.22
C PRO A 42 9.31 -15.88 -11.54
N VAL A 43 8.44 -15.67 -12.53
CA VAL A 43 8.79 -16.08 -13.89
C VAL A 43 9.72 -15.05 -14.52
N GLU A 44 9.44 -13.77 -14.32
CA GLU A 44 10.24 -12.69 -14.88
C GLU A 44 10.52 -11.67 -13.78
N PRO A 45 11.57 -10.86 -13.94
CA PRO A 45 11.94 -9.92 -12.87
C PRO A 45 10.99 -8.73 -12.78
N ASP A 46 11.00 -8.11 -11.60
CA ASP A 46 10.41 -6.77 -11.46
C ASP A 46 11.00 -5.88 -12.55
N LYS A 47 10.15 -5.04 -13.15
CA LYS A 47 10.60 -4.20 -14.27
C LYS A 47 11.02 -2.84 -13.75
N ASP A 48 12.17 -2.36 -14.22
CA ASP A 48 12.59 -1.02 -13.80
C ASP A 48 12.29 0.04 -14.85
N ASN A 49 11.64 -0.32 -15.96
CA ASN A 49 10.86 0.70 -16.66
C ASN A 49 9.63 0.06 -17.27
N ILE A 50 8.54 0.83 -17.21
CA ILE A 50 7.20 0.36 -17.52
C ILE A 50 6.63 1.23 -18.63
N ARG A 51 6.01 0.60 -19.63
CA ARG A 51 5.27 1.28 -20.69
C ARG A 51 4.38 2.38 -20.12
N GLN A 52 4.61 3.63 -20.57
CA GLN A 52 3.84 4.76 -20.04
C GLN A 52 2.52 4.97 -20.76
N GLU A 53 2.39 4.50 -21.98
CA GLU A 53 1.19 4.70 -22.78
C GLU A 53 0.25 3.51 -22.65
N PRO A 54 -1.05 3.79 -22.53
CA PRO A 54 -2.05 2.71 -22.52
C PRO A 54 -1.97 1.88 -23.81
N TYR A 55 -2.32 0.60 -23.70
CA TYR A 55 -2.40 -0.26 -24.87
C TYR A 55 -3.49 0.22 -25.83
N THR A 56 -3.30 -0.10 -27.10
CA THR A 56 -4.21 0.33 -28.15
C THR A 56 -5.48 -0.52 -28.14
N LEU A 57 -6.61 0.15 -28.12
CA LEU A 57 -7.90 -0.52 -28.26
C LEU A 57 -8.33 -0.50 -29.72
N PRO A 58 -9.27 -1.37 -30.09
CA PRO A 58 -9.88 -1.26 -31.43
C PRO A 58 -10.42 0.14 -31.65
N GLN A 59 -10.42 0.55 -32.92
CA GLN A 59 -10.91 1.85 -33.30
C GLN A 59 -12.32 2.07 -32.76
N GLY A 60 -12.55 3.22 -32.14
CA GLY A 60 -13.87 3.53 -31.63
C GLY A 60 -14.07 3.25 -30.15
N PHE A 61 -13.05 2.77 -29.44
CA PHE A 61 -13.14 2.50 -28.01
C PHE A 61 -12.00 3.22 -27.30
N THR A 62 -12.22 3.53 -26.02
CA THR A 62 -11.24 4.30 -25.27
C THR A 62 -11.22 3.80 -23.83
N TRP A 63 -10.10 4.08 -23.13
CA TRP A 63 -9.96 3.69 -21.73
C TRP A 63 -10.63 4.70 -20.82
N ASP A 64 -11.06 4.23 -19.65
CA ASP A 64 -11.52 5.13 -18.60
C ASP A 64 -11.26 4.47 -17.26
N ALA A 65 -10.98 5.30 -16.25
CA ALA A 65 -10.83 4.81 -14.88
C ALA A 65 -12.13 5.14 -14.14
N LEU A 66 -12.80 4.11 -13.60
CA LEU A 66 -14.11 4.32 -13.01
C LEU A 66 -13.97 4.73 -11.54
N ASP A 67 -14.39 5.96 -11.25
CA ASP A 67 -14.49 6.45 -9.87
C ASP A 67 -15.87 6.03 -9.36
N LEU A 68 -15.91 4.98 -8.55
CA LEU A 68 -17.17 4.43 -8.08
C LEU A 68 -17.85 5.31 -7.03
N GLY A 69 -17.14 6.30 -6.50
CA GLY A 69 -17.74 7.29 -5.63
C GLY A 69 -18.74 8.17 -6.33
N ASP A 70 -18.67 8.24 -7.65
CA ASP A 70 -19.71 8.81 -8.49
C ASP A 70 -20.81 7.76 -8.65
N ARG A 71 -22.00 8.06 -8.11
CA ARG A 71 -23.09 7.08 -8.11
C ARG A 71 -23.49 6.71 -9.54
N GLY A 72 -23.47 7.68 -10.45
CA GLY A 72 -23.82 7.39 -11.83
C GLY A 72 -22.87 6.39 -12.48
N VAL A 73 -21.57 6.51 -12.17
CA VAL A 73 -20.58 5.58 -12.70
C VAL A 73 -20.74 4.21 -12.07
N LEU A 74 -20.99 4.16 -10.77
CA LEU A 74 -21.27 2.88 -10.12
C LEU A 74 -22.47 2.21 -10.76
N LYS A 75 -23.50 2.99 -11.10
CA LYS A 75 -24.68 2.39 -11.72
C LYS A 75 -24.37 1.87 -13.12
N GLU A 76 -23.49 2.57 -13.86
CA GLU A 76 -23.05 2.06 -15.16
C GLU A 76 -22.35 0.72 -15.02
N LEU A 77 -21.47 0.58 -14.02
CA LEU A 77 -20.79 -0.69 -13.82
C LEU A 77 -21.78 -1.78 -13.41
N TYR A 78 -22.67 -1.45 -12.48
CA TYR A 78 -23.71 -2.41 -12.10
C TYR A 78 -24.46 -2.91 -13.34
N THR A 79 -24.80 -2.01 -14.25
CA THR A 79 -25.60 -2.38 -15.43
C THR A 79 -24.80 -3.24 -16.39
N LEU A 80 -23.53 -2.88 -16.64
CA LEU A 80 -22.68 -3.70 -17.49
C LEU A 80 -22.61 -5.14 -16.97
N LEU A 81 -22.35 -5.29 -15.67
CA LEU A 81 -22.23 -6.61 -15.07
C LEU A 81 -23.58 -7.31 -15.04
N ASN A 82 -24.64 -6.61 -14.61
CA ASN A 82 -25.95 -7.23 -14.55
C ASN A 82 -26.38 -7.80 -15.91
N GLU A 83 -25.93 -7.20 -17.01
CA GLU A 83 -26.37 -7.60 -18.35
C GLU A 83 -25.38 -8.48 -19.10
N ASN A 84 -24.10 -8.51 -18.69
CA ASN A 84 -23.09 -9.18 -19.50
C ASN A 84 -22.12 -10.05 -18.72
N TYR A 85 -22.26 -10.19 -17.41
CA TYR A 85 -21.24 -10.87 -16.61
C TYR A 85 -21.53 -12.38 -16.59
N VAL A 86 -20.96 -13.11 -15.63
CA VAL A 86 -20.89 -14.57 -15.69
C VAL A 86 -22.28 -15.18 -15.59
N GLU A 87 -22.54 -16.17 -16.45
CA GLU A 87 -23.74 -16.99 -16.39
C GLU A 87 -23.40 -18.42 -16.03
N ASP A 88 -24.41 -19.18 -15.60
CA ASP A 88 -24.19 -20.60 -15.35
C ASP A 88 -24.02 -21.34 -16.68
N ASP A 89 -23.63 -22.62 -16.57
CA ASP A 89 -23.26 -23.39 -17.76
C ASP A 89 -24.40 -23.52 -18.76
N ASP A 90 -25.64 -23.43 -18.31
CA ASP A 90 -26.79 -23.58 -19.19
C ASP A 90 -27.45 -22.25 -19.55
N ASN A 91 -26.80 -21.14 -19.22
CA ASN A 91 -27.31 -19.80 -19.55
C ASN A 91 -28.74 -19.61 -19.03
N MET A 92 -28.97 -20.05 -17.79
CA MET A 92 -30.25 -19.84 -17.12
C MET A 92 -30.19 -18.84 -15.99
N PHE A 93 -28.99 -18.56 -15.44
CA PHE A 93 -28.81 -17.62 -14.34
C PHE A 93 -27.60 -16.75 -14.63
N ARG A 94 -27.61 -15.52 -14.13
CA ARG A 94 -26.49 -14.59 -14.28
C ARG A 94 -26.26 -13.85 -12.97
N PHE A 95 -24.99 -13.73 -12.56
CA PHE A 95 -24.67 -12.99 -11.34
C PHE A 95 -25.35 -11.62 -11.34
N ASP A 96 -25.85 -11.22 -10.17
CA ASP A 96 -26.50 -9.92 -10.01
C ASP A 96 -25.85 -9.21 -8.82
N TYR A 97 -24.57 -8.87 -8.97
CA TYR A 97 -23.86 -8.10 -7.95
C TYR A 97 -24.54 -6.76 -7.75
N SER A 98 -24.84 -6.41 -6.51
CA SER A 98 -25.46 -5.13 -6.23
C SER A 98 -24.43 -4.00 -6.21
N PRO A 99 -24.87 -2.76 -6.41
CA PRO A 99 -23.94 -1.62 -6.31
C PRO A 99 -23.21 -1.56 -4.98
N GLU A 100 -23.92 -1.81 -3.87
N GLU A 100 -23.93 -1.80 -3.87
CA GLU A 100 -23.28 -1.74 -2.57
CA GLU A 100 -23.30 -1.75 -2.55
C GLU A 100 -22.24 -2.86 -2.41
C GLU A 100 -22.26 -2.85 -2.40
N PHE A 101 -22.54 -4.03 -2.95
CA PHE A 101 -21.55 -5.12 -2.96
C PHE A 101 -20.32 -4.72 -3.76
N LEU A 102 -20.53 -4.11 -4.93
CA LEU A 102 -19.40 -3.70 -5.76
C LEU A 102 -18.48 -2.72 -5.03
N LEU A 103 -19.05 -1.79 -4.26
CA LEU A 103 -18.22 -0.90 -3.45
C LEU A 103 -17.42 -1.68 -2.41
N TRP A 104 -18.03 -2.68 -1.78
CA TRP A 104 -17.31 -3.51 -0.82
C TRP A 104 -16.16 -4.25 -1.48
N ALA A 105 -16.43 -4.83 -2.66
CA ALA A 105 -15.41 -5.65 -3.31
C ALA A 105 -14.34 -4.80 -4.00
N LEU A 106 -14.66 -3.57 -4.41
CA LEU A 106 -13.75 -2.78 -5.23
C LEU A 106 -13.14 -1.59 -4.48
N ARG A 107 -13.60 -1.29 -3.27
CA ARG A 107 -12.90 -0.28 -2.47
C ARG A 107 -12.40 -0.79 -1.12
N PRO A 108 -11.63 -1.88 -1.07
CA PRO A 108 -11.01 -2.25 0.19
C PRO A 108 -9.87 -1.30 0.49
N PRO A 109 -9.27 -1.40 1.68
CA PRO A 109 -8.10 -0.56 1.98
C PRO A 109 -7.03 -0.63 0.89
N GLY A 110 -6.56 0.53 0.45
CA GLY A 110 -5.53 0.57 -0.56
C GLY A 110 -6.02 0.61 -1.98
N TRP A 111 -7.33 0.64 -2.21
CA TRP A 111 -7.84 0.62 -3.56
C TRP A 111 -7.39 1.85 -4.34
N LEU A 112 -7.33 1.71 -5.66
CA LEU A 112 -6.97 2.80 -6.56
C LEU A 112 -8.00 2.90 -7.67
N PRO A 113 -8.50 4.10 -8.00
CA PRO A 113 -9.48 4.21 -9.08
C PRO A 113 -8.90 3.87 -10.45
N GLN A 114 -7.60 4.07 -10.66
CA GLN A 114 -7.04 3.68 -11.95
C GLN A 114 -7.04 2.15 -12.13
N TRP A 115 -7.20 1.39 -11.03
CA TRP A 115 -7.34 -0.05 -11.11
C TRP A 115 -8.78 -0.51 -11.29
N HIS A 116 -9.71 0.41 -11.48
CA HIS A 116 -11.06 0.10 -11.96
C HIS A 116 -11.08 0.45 -13.44
N CYS A 117 -10.67 -0.49 -14.27
CA CYS A 117 -10.23 -0.17 -15.62
C CYS A 117 -11.38 -0.46 -16.59
N GLY A 118 -12.00 0.60 -17.10
CA GLY A 118 -13.14 0.46 -17.99
C GLY A 118 -12.78 0.72 -19.45
N VAL A 119 -13.62 0.19 -20.35
CA VAL A 119 -13.57 0.48 -21.77
C VAL A 119 -14.89 1.11 -22.17
N ARG A 120 -14.84 2.28 -22.81
CA ARG A 120 -16.03 2.98 -23.25
C ARG A 120 -16.02 3.17 -24.77
N VAL A 121 -17.22 3.19 -25.36
CA VAL A 121 -17.38 3.62 -26.75
C VAL A 121 -17.04 5.09 -26.83
N VAL A 122 -16.22 5.46 -27.82
CA VAL A 122 -15.74 6.84 -27.90
C VAL A 122 -16.91 7.80 -28.11
N SER A 123 -17.80 7.51 -29.06
CA SER A 123 -18.82 8.48 -29.44
C SER A 123 -19.94 8.57 -28.41
N SER A 124 -20.37 7.43 -27.85
CA SER A 124 -21.49 7.41 -26.91
C SER A 124 -21.05 7.41 -25.45
N ARG A 125 -19.78 7.13 -25.16
CA ARG A 125 -19.26 6.93 -23.80
C ARG A 125 -19.89 5.74 -23.08
N LYS A 126 -20.62 4.88 -23.80
CA LYS A 126 -21.21 3.70 -23.16
C LYS A 126 -20.13 2.75 -22.63
N LEU A 127 -20.34 2.25 -21.41
CA LEU A 127 -19.39 1.32 -20.80
C LEU A 127 -19.59 -0.07 -21.38
N VAL A 128 -18.53 -0.65 -21.95
CA VAL A 128 -18.63 -1.92 -22.67
C VAL A 128 -17.57 -2.93 -22.24
N GLY A 129 -16.71 -2.59 -21.29
CA GLY A 129 -15.74 -3.54 -20.81
C GLY A 129 -15.16 -3.08 -19.48
N PHE A 130 -14.67 -4.04 -18.71
CA PHE A 130 -14.19 -3.74 -17.38
C PHE A 130 -13.24 -4.84 -16.92
N ILE A 131 -12.31 -4.45 -16.05
CA ILE A 131 -11.49 -5.37 -15.27
C ILE A 131 -10.98 -4.57 -14.08
N SER A 132 -10.75 -5.26 -12.96
CA SER A 132 -10.35 -4.54 -11.75
C SER A 132 -9.22 -5.25 -11.05
N ALA A 133 -8.43 -4.48 -10.33
CA ALA A 133 -7.40 -4.95 -9.41
C ALA A 133 -7.61 -4.30 -8.05
N ILE A 134 -7.40 -5.06 -6.99
CA ILE A 134 -7.31 -4.53 -5.63
C ILE A 134 -6.05 -5.11 -4.98
N PRO A 135 -5.40 -4.38 -4.09
CA PRO A 135 -4.16 -4.89 -3.50
C PRO A 135 -4.44 -5.94 -2.45
N ALA A 136 -3.54 -6.92 -2.37
CA ALA A 136 -3.64 -7.92 -1.32
C ALA A 136 -2.26 -8.47 -1.01
N ASN A 137 -1.98 -8.66 0.27
CA ASN A 137 -0.81 -9.44 0.66
C ASN A 137 -1.19 -10.92 0.66
N ILE A 138 -0.38 -11.72 -0.02
CA ILE A 138 -0.71 -13.12 -0.26
C ILE A 138 0.43 -13.98 0.25
N HIS A 139 0.11 -14.99 1.05
CA HIS A 139 1.10 -15.98 1.48
C HIS A 139 0.98 -17.20 0.58
N ILE A 140 2.06 -17.53 -0.12
CA ILE A 140 2.06 -18.67 -1.03
C ILE A 140 3.25 -19.55 -0.65
N TYR A 141 2.95 -20.72 -0.10
CA TYR A 141 3.94 -21.60 0.50
C TYR A 141 4.77 -20.83 1.52
N ASP A 142 6.08 -20.64 1.29
CA ASP A 142 6.90 -20.03 2.33
C ASP A 142 7.27 -18.59 2.00
N THR A 143 6.48 -17.93 1.17
CA THR A 143 6.72 -16.55 0.76
C THR A 143 5.47 -15.71 0.95
N GLU A 144 5.65 -14.49 1.43
CA GLU A 144 4.60 -13.48 1.44
C GLU A 144 4.94 -12.43 0.38
N LYS A 145 3.97 -12.12 -0.48
CA LYS A 145 4.17 -11.16 -1.57
C LYS A 145 3.04 -10.15 -1.59
N LYS A 146 3.37 -8.88 -1.79
CA LYS A 146 2.34 -7.91 -2.16
C LYS A 146 1.87 -8.24 -3.57
N MET A 147 0.57 -8.48 -3.73
CA MET A 147 -0.02 -8.85 -5.01
C MET A 147 -1.24 -7.97 -5.27
N VAL A 148 -1.91 -8.22 -6.39
CA VAL A 148 -3.27 -7.73 -6.59
C VAL A 148 -4.16 -8.94 -6.82
N GLU A 149 -5.43 -8.78 -6.47
CA GLU A 149 -6.48 -9.71 -6.87
C GLU A 149 -7.23 -9.11 -8.05
N ILE A 150 -7.38 -9.89 -9.13
CA ILE A 150 -8.07 -9.43 -10.34
C ILE A 150 -9.47 -10.00 -10.30
N ASN A 151 -10.45 -9.16 -10.68
CA ASN A 151 -11.84 -9.59 -10.61
C ASN A 151 -12.64 -8.80 -11.65
N PHE A 152 -13.83 -9.29 -11.95
CA PHE A 152 -14.83 -8.58 -12.74
C PHE A 152 -14.39 -8.33 -14.17
N LEU A 153 -13.64 -9.26 -14.75
CA LEU A 153 -13.31 -9.17 -16.17
C LEU A 153 -14.58 -9.38 -16.97
N CYS A 154 -14.98 -8.37 -17.74
CA CYS A 154 -16.27 -8.42 -18.40
C CYS A 154 -16.22 -7.63 -19.70
N VAL A 155 -16.66 -8.25 -20.80
CA VAL A 155 -16.78 -7.59 -22.10
C VAL A 155 -18.23 -7.70 -22.54
N HIS A 156 -18.81 -6.59 -22.99
CA HIS A 156 -20.19 -6.57 -23.48
C HIS A 156 -20.43 -7.71 -24.48
N LYS A 157 -21.60 -8.34 -24.36
CA LYS A 157 -21.94 -9.46 -25.25
C LYS A 157 -21.77 -9.09 -26.73
N LYS A 158 -22.03 -7.84 -27.09
CA LYS A 158 -21.91 -7.46 -28.50
C LYS A 158 -20.47 -7.13 -28.91
N LEU A 159 -19.51 -7.24 -27.99
CA LEU A 159 -18.12 -6.96 -28.26
C LEU A 159 -17.25 -8.20 -28.12
N ARG A 160 -17.87 -9.38 -27.95
CA ARG A 160 -17.14 -10.60 -27.65
C ARG A 160 -16.36 -11.12 -28.87
N SER A 161 -15.37 -11.96 -28.59
CA SER A 161 -14.57 -12.65 -29.62
C SER A 161 -13.88 -11.65 -30.54
N LYS A 162 -13.49 -10.48 -30.02
CA LYS A 162 -12.78 -9.48 -30.81
C LYS A 162 -11.43 -9.11 -30.17
N ARG A 163 -10.88 -10.01 -29.36
CA ARG A 163 -9.59 -9.82 -28.71
C ARG A 163 -9.57 -8.62 -27.77
N VAL A 164 -10.72 -8.24 -27.19
CA VAL A 164 -10.70 -7.15 -26.22
C VAL A 164 -10.26 -7.66 -24.84
N ALA A 165 -10.58 -8.90 -24.46
CA ALA A 165 -10.16 -9.36 -23.14
C ALA A 165 -8.64 -9.36 -22.98
N PRO A 166 -7.83 -9.82 -23.94
CA PRO A 166 -6.38 -9.70 -23.77
C PRO A 166 -5.90 -8.27 -23.61
N VAL A 167 -6.53 -7.31 -24.29
CA VAL A 167 -6.11 -5.92 -24.11
C VAL A 167 -6.45 -5.46 -22.69
N LEU A 168 -7.64 -5.81 -22.20
CA LEU A 168 -7.98 -5.49 -20.82
C LEU A 168 -6.97 -6.08 -19.86
N ILE A 169 -6.56 -7.33 -20.08
CA ILE A 169 -5.60 -7.96 -19.17
C ILE A 169 -4.25 -7.24 -19.24
N ARG A 170 -3.77 -6.93 -20.45
CA ARG A 170 -2.48 -6.25 -20.56
C ARG A 170 -2.52 -4.86 -19.93
N GLU A 171 -3.64 -4.16 -20.08
CA GLU A 171 -3.71 -2.80 -19.55
C GLU A 171 -3.76 -2.79 -18.02
N ILE A 172 -4.55 -3.68 -17.40
CA ILE A 172 -4.52 -3.71 -15.94
C ILE A 172 -3.15 -4.18 -15.46
N THR A 173 -2.49 -5.07 -16.21
CA THR A 173 -1.13 -5.47 -15.85
C THR A 173 -0.20 -4.27 -15.83
N ARG A 174 -0.25 -3.45 -16.88
CA ARG A 174 0.57 -2.24 -16.96
C ARG A 174 0.30 -1.31 -15.79
N ARG A 175 -0.98 -1.06 -15.50
CA ARG A 175 -1.34 -0.13 -14.44
C ARG A 175 -0.93 -0.63 -13.06
N VAL A 176 -0.92 -1.96 -12.87
CA VAL A 176 -0.43 -2.53 -11.61
C VAL A 176 1.09 -2.44 -11.54
N HIS A 177 1.78 -2.73 -12.66
CA HIS A 177 3.23 -2.60 -12.72
C HIS A 177 3.69 -1.19 -12.33
N LEU A 178 2.96 -0.17 -12.78
CA LEU A 178 3.32 1.22 -12.46
C LEU A 178 3.36 1.46 -10.97
N GLU A 179 2.64 0.67 -10.17
CA GLU A 179 2.60 0.84 -8.73
C GLU A 179 3.58 -0.08 -8.01
N GLY A 180 4.45 -0.75 -8.74
CA GLY A 180 5.49 -1.57 -8.14
C GLY A 180 5.09 -2.99 -7.79
N ILE A 181 3.99 -3.48 -8.34
CA ILE A 181 3.48 -4.82 -8.01
C ILE A 181 3.60 -5.69 -9.26
N PHE A 182 4.13 -6.90 -9.10
CA PHE A 182 4.44 -7.75 -10.24
C PHE A 182 3.87 -9.17 -10.14
N GLN A 183 3.00 -9.45 -9.18
CA GLN A 183 2.32 -10.72 -9.06
C GLN A 183 0.83 -10.47 -8.88
N ALA A 184 0.01 -11.45 -9.27
CA ALA A 184 -1.43 -11.34 -9.05
C ALA A 184 -2.01 -12.71 -8.77
N VAL A 185 -3.19 -12.71 -8.15
CA VAL A 185 -3.97 -13.92 -7.95
C VAL A 185 -5.36 -13.70 -8.52
N TYR A 186 -5.95 -14.76 -9.05
CA TYR A 186 -7.29 -14.64 -9.63
C TYR A 186 -7.85 -16.04 -9.81
N THR A 187 -9.17 -16.10 -10.03
CA THR A 187 -9.86 -17.35 -10.27
C THR A 187 -10.55 -17.29 -11.61
N ALA A 188 -10.91 -18.45 -12.14
CA ALA A 188 -11.66 -18.48 -13.38
C ALA A 188 -12.33 -19.84 -13.52
N GLY A 189 -13.46 -19.84 -14.23
CA GLY A 189 -14.12 -21.09 -14.55
C GLY A 189 -13.53 -21.83 -15.72
N VAL A 190 -12.68 -21.17 -16.50
CA VAL A 190 -12.03 -21.79 -17.64
C VAL A 190 -10.63 -22.22 -17.22
N VAL A 191 -10.12 -23.23 -17.91
CA VAL A 191 -8.76 -23.71 -17.68
C VAL A 191 -7.80 -22.93 -18.56
N LEU A 192 -6.81 -22.32 -17.94
CA LEU A 192 -5.75 -21.55 -18.55
C LEU A 192 -4.42 -22.06 -18.05
N PRO A 193 -3.33 -21.75 -18.74
CA PRO A 193 -2.00 -21.91 -18.11
C PRO A 193 -1.88 -20.95 -16.93
N LYS A 194 -1.69 -21.47 -15.70
CA LYS A 194 -1.76 -22.88 -15.30
C LYS A 194 -2.29 -22.87 -13.86
N PRO A 195 -3.33 -23.67 -13.57
CA PRO A 195 -3.95 -23.59 -12.24
C PRO A 195 -3.00 -23.99 -11.14
N VAL A 196 -2.99 -23.20 -10.05
CA VAL A 196 -2.27 -23.61 -8.84
C VAL A 196 -3.14 -24.49 -7.96
N GLY A 197 -4.45 -24.47 -8.14
CA GLY A 197 -5.34 -25.37 -7.44
C GLY A 197 -6.69 -25.36 -8.12
N THR A 198 -7.43 -26.44 -7.99
CA THR A 198 -8.73 -26.59 -8.62
C THR A 198 -9.76 -26.90 -7.55
N CYS A 199 -10.80 -26.08 -7.46
CA CYS A 199 -11.84 -26.20 -6.45
C CYS A 199 -13.20 -26.36 -7.11
N ARG A 200 -14.11 -26.99 -6.39
CA ARG A 200 -15.44 -27.30 -6.87
C ARG A 200 -16.46 -26.67 -5.93
N TYR A 201 -17.46 -25.99 -6.48
CA TYR A 201 -18.57 -25.51 -5.66
C TYR A 201 -19.51 -26.66 -5.32
N TRP A 202 -20.01 -26.64 -4.10
CA TRP A 202 -21.12 -27.46 -3.64
C TRP A 202 -22.25 -26.55 -3.17
N HIS A 203 -23.45 -27.12 -3.12
CA HIS A 203 -24.65 -26.33 -2.87
C HIS A 203 -25.54 -27.01 -1.86
N ARG A 204 -26.10 -26.21 -0.95
CA ARG A 204 -27.00 -26.72 0.08
C ARG A 204 -28.35 -26.06 -0.10
N SER A 205 -29.36 -26.85 -0.46
CA SER A 205 -30.71 -26.31 -0.65
C SER A 205 -31.24 -25.77 0.67
N LEU A 206 -31.72 -24.54 0.65
CA LEU A 206 -32.43 -23.92 1.77
C LEU A 206 -33.92 -23.78 1.50
N ASN A 207 -34.28 -23.41 0.28
CA ASN A 207 -35.67 -23.30 -0.16
C ASN A 207 -35.81 -24.26 -1.35
N PRO A 208 -35.98 -25.56 -1.10
CA PRO A 208 -35.99 -26.55 -2.19
C PRO A 208 -37.08 -26.32 -3.22
N ARG A 209 -38.27 -25.88 -2.80
CA ARG A 209 -39.35 -25.66 -3.75
C ARG A 209 -38.94 -24.66 -4.82
N LYS A 210 -38.32 -23.55 -4.41
CA LYS A 210 -37.97 -22.53 -5.38
C LYS A 210 -36.83 -22.99 -6.27
N LEU A 211 -35.84 -23.68 -5.70
CA LEU A 211 -34.70 -24.15 -6.49
C LEU A 211 -35.13 -25.10 -7.59
N ILE A 212 -36.12 -25.95 -7.29
CA ILE A 212 -36.62 -26.87 -8.30
C ILE A 212 -37.47 -26.12 -9.31
N GLU A 213 -38.27 -25.15 -8.84
CA GLU A 213 -39.15 -24.41 -9.75
C GLU A 213 -38.37 -23.63 -10.80
N VAL A 214 -37.22 -23.05 -10.42
CA VAL A 214 -36.45 -22.25 -11.38
C VAL A 214 -35.36 -23.12 -12.00
N LYS A 215 -35.36 -24.41 -11.67
CA LYS A 215 -34.45 -25.39 -12.25
C LYS A 215 -32.98 -25.12 -11.91
N PHE A 216 -32.74 -24.52 -10.75
CA PHE A 216 -31.41 -24.56 -10.14
C PHE A 216 -31.07 -25.97 -9.67
N SER A 217 -32.05 -26.70 -9.15
CA SER A 217 -31.89 -28.10 -8.77
C SER A 217 -32.97 -28.91 -9.46
N HIS A 218 -32.94 -30.23 -9.25
N HIS A 218 -32.92 -30.23 -9.26
CA HIS A 218 -33.93 -31.12 -9.84
CA HIS A 218 -33.89 -31.14 -9.83
C HIS A 218 -34.40 -32.11 -8.79
C HIS A 218 -34.42 -32.08 -8.74
N LEU A 219 -35.67 -32.49 -8.90
CA LEU A 219 -36.24 -33.51 -8.02
C LEU A 219 -35.70 -34.88 -8.43
N SER A 220 -35.20 -35.63 -7.45
CA SER A 220 -34.45 -36.87 -7.72
C SER A 220 -35.25 -37.96 -8.42
N ARG A 221 -36.50 -37.66 -8.83
CA ARG A 221 -37.35 -38.55 -9.63
C ARG A 221 -37.83 -39.78 -8.87
N ASN A 222 -37.00 -40.29 -7.94
CA ASN A 222 -37.43 -41.30 -6.99
C ASN A 222 -37.80 -40.68 -5.64
N MET A 223 -37.83 -39.35 -5.56
CA MET A 223 -38.25 -38.62 -4.37
C MET A 223 -39.35 -37.64 -4.74
N THR A 224 -40.33 -37.50 -3.86
CA THR A 224 -41.39 -36.52 -4.04
C THR A 224 -40.96 -35.16 -3.53
N MET A 225 -41.73 -34.13 -3.90
CA MET A 225 -41.49 -32.80 -3.39
C MET A 225 -41.65 -32.76 -1.87
N GLN A 226 -42.74 -33.36 -1.35
CA GLN A 226 -42.95 -33.42 0.09
C GLN A 226 -41.75 -34.04 0.78
N ARG A 227 -41.19 -35.11 0.21
CA ARG A 227 -40.02 -35.76 0.79
C ARG A 227 -38.81 -34.83 0.78
N THR A 228 -38.64 -34.08 -0.30
CA THR A 228 -37.47 -33.22 -0.42
C THR A 228 -37.52 -32.09 0.59
N MET A 229 -38.70 -31.52 0.80
CA MET A 229 -38.87 -30.47 1.80
C MET A 229 -38.52 -30.96 3.20
N LYS A 230 -38.94 -32.18 3.54
CA LYS A 230 -38.60 -32.70 4.85
C LYS A 230 -37.11 -32.97 4.96
N LEU A 231 -36.50 -33.45 3.88
CA LEU A 231 -35.08 -33.81 3.94
C LEU A 231 -34.21 -32.60 4.25
N TYR A 232 -34.51 -31.45 3.66
CA TYR A 232 -33.68 -30.27 3.78
C TYR A 232 -34.13 -29.31 4.86
N ARG A 233 -35.20 -29.63 5.59
N ARG A 233 -35.21 -29.62 5.58
CA ARG A 233 -35.70 -28.75 6.64
CA ARG A 233 -35.69 -28.72 6.62
C ARG A 233 -34.62 -28.53 7.69
C ARG A 233 -34.62 -28.52 7.69
N LEU A 234 -34.53 -27.30 8.19
CA LEU A 234 -33.54 -26.92 9.17
C LEU A 234 -34.23 -26.42 10.44
N PRO A 235 -33.55 -26.47 11.59
CA PRO A 235 -34.09 -25.84 12.80
C PRO A 235 -34.31 -24.35 12.61
N GLU A 236 -35.19 -23.78 13.44
CA GLU A 236 -35.50 -22.36 13.36
C GLU A 236 -34.44 -21.47 14.01
N THR A 237 -33.65 -21.98 14.93
CA THR A 237 -32.66 -21.19 15.65
C THR A 237 -31.36 -21.98 15.75
N PRO A 238 -30.21 -21.32 15.72
CA PRO A 238 -28.94 -22.04 15.77
C PRO A 238 -28.71 -22.70 17.13
N LYS A 239 -27.89 -23.74 17.13
CA LYS A 239 -27.68 -24.51 18.36
C LYS A 239 -26.46 -24.07 19.16
N THR A 240 -25.50 -23.38 18.55
CA THR A 240 -24.26 -23.06 19.26
C THR A 240 -24.49 -21.97 20.29
N ALA A 241 -24.12 -22.27 21.53
CA ALA A 241 -24.13 -21.33 22.63
C ALA A 241 -23.31 -20.09 22.31
N GLY A 242 -23.91 -18.93 22.50
CA GLY A 242 -23.13 -17.72 22.49
C GLY A 242 -22.90 -17.13 21.11
N LEU A 243 -23.59 -17.64 20.09
CA LEU A 243 -23.46 -17.08 18.75
C LEU A 243 -24.17 -15.73 18.68
N ARG A 244 -23.51 -14.75 18.05
CA ARG A 244 -24.09 -13.42 17.92
C ARG A 244 -23.38 -12.70 16.78
N PRO A 245 -23.99 -11.65 16.22
CA PRO A 245 -23.31 -10.90 15.16
C PRO A 245 -22.00 -10.32 15.63
N MET A 246 -21.02 -10.29 14.74
CA MET A 246 -19.77 -9.59 14.97
C MET A 246 -20.01 -8.11 15.20
N GLU A 247 -19.25 -7.52 16.13
CA GLU A 247 -19.34 -6.11 16.49
C GLU A 247 -17.96 -5.51 16.39
N THR A 248 -17.92 -4.17 16.48
CA THR A 248 -16.63 -3.46 16.40
C THR A 248 -15.63 -3.99 17.41
N LYS A 249 -16.08 -4.31 18.63
CA LYS A 249 -15.16 -4.77 19.66
C LYS A 249 -14.53 -6.11 19.33
N ASP A 250 -15.11 -6.86 18.38
CA ASP A 250 -14.57 -8.16 17.98
C ASP A 250 -13.51 -8.07 16.89
N ILE A 251 -13.26 -6.90 16.32
CA ILE A 251 -12.33 -6.82 15.20
C ILE A 251 -10.96 -7.39 15.55
N PRO A 252 -10.33 -7.03 16.68
CA PRO A 252 -9.00 -7.61 16.96
C PRO A 252 -9.00 -9.12 17.11
N VAL A 253 -9.97 -9.70 17.80
CA VAL A 253 -9.91 -11.14 18.02
C VAL A 253 -10.26 -11.91 16.75
N VAL A 254 -11.17 -11.39 15.91
CA VAL A 254 -11.41 -12.00 14.61
C VAL A 254 -10.13 -12.00 13.79
N HIS A 255 -9.41 -10.87 13.80
CA HIS A 255 -8.12 -10.80 13.12
C HIS A 255 -7.17 -11.86 13.66
N GLN A 256 -7.06 -11.96 14.98
CA GLN A 256 -6.13 -12.92 15.58
C GLN A 256 -6.53 -14.35 15.25
N LEU A 257 -7.83 -14.68 15.38
CA LEU A 257 -8.31 -16.02 15.08
C LEU A 257 -8.03 -16.41 13.63
N LEU A 258 -8.35 -15.51 12.70
CA LEU A 258 -8.17 -15.81 11.28
C LEU A 258 -6.69 -15.99 10.94
N THR A 259 -5.82 -15.12 11.47
CA THR A 259 -4.41 -15.22 11.15
C THR A 259 -3.83 -16.57 11.58
N ARG A 260 -4.13 -17.00 12.81
CA ARG A 260 -3.63 -18.29 13.28
C ARG A 260 -4.23 -19.45 12.51
N TYR A 261 -5.52 -19.38 12.19
CA TYR A 261 -6.19 -20.47 11.47
C TYR A 261 -5.65 -20.64 10.05
N LEU A 262 -5.28 -19.55 9.39
CA LEU A 262 -4.88 -19.66 7.99
C LEU A 262 -3.48 -20.24 7.81
N LYS A 263 -2.68 -20.29 8.88
CA LYS A 263 -1.30 -20.76 8.75
C LYS A 263 -1.22 -22.19 8.24
N GLN A 264 -2.27 -22.98 8.40
CA GLN A 264 -2.24 -24.38 8.00
C GLN A 264 -2.43 -24.58 6.50
N PHE A 265 -2.77 -23.54 5.74
CA PHE A 265 -2.99 -23.68 4.31
C PHE A 265 -1.79 -23.11 3.56
N HIS A 266 -1.77 -23.31 2.23
CA HIS A 266 -0.61 -22.93 1.44
C HIS A 266 -0.85 -21.72 0.55
N LEU A 267 -2.08 -21.27 0.37
CA LEU A 267 -2.38 -20.04 -0.37
C LEU A 267 -3.42 -19.29 0.43
N THR A 268 -3.05 -18.16 1.03
CA THR A 268 -3.93 -17.48 1.97
C THR A 268 -3.74 -15.97 1.84
N PRO A 269 -4.74 -15.18 2.23
CA PRO A 269 -4.52 -13.75 2.40
C PRO A 269 -3.80 -13.47 3.71
N VAL A 270 -3.09 -12.35 3.75
CA VAL A 270 -2.47 -11.86 4.98
C VAL A 270 -3.14 -10.52 5.23
N MET A 271 -4.08 -10.47 6.17
CA MET A 271 -4.90 -9.26 6.33
C MET A 271 -4.40 -8.43 7.51
N SER A 272 -4.35 -7.11 7.30
CA SER A 272 -4.21 -6.20 8.43
C SER A 272 -5.51 -6.15 9.22
N GLN A 273 -5.46 -5.53 10.40
CA GLN A 273 -6.67 -5.38 11.19
C GLN A 273 -7.68 -4.49 10.47
N GLU A 274 -7.21 -3.50 9.71
CA GLU A 274 -8.10 -2.67 8.92
C GLU A 274 -8.77 -3.46 7.81
N GLU A 275 -8.02 -4.37 7.16
CA GLU A 275 -8.61 -5.25 6.16
C GLU A 275 -9.62 -6.19 6.78
N VAL A 276 -9.34 -6.69 7.99
CA VAL A 276 -10.30 -7.56 8.65
C VAL A 276 -11.61 -6.83 8.88
N GLU A 277 -11.54 -5.57 9.34
CA GLU A 277 -12.75 -4.78 9.52
C GLU A 277 -13.50 -4.65 8.20
N HIS A 278 -12.78 -4.37 7.12
CA HIS A 278 -13.45 -4.21 5.84
C HIS A 278 -14.12 -5.50 5.38
N TRP A 279 -13.41 -6.61 5.43
CA TRP A 279 -13.93 -7.83 4.82
C TRP A 279 -14.97 -8.53 5.69
N PHE A 280 -15.01 -8.27 7.01
CA PHE A 280 -15.88 -9.06 7.88
C PHE A 280 -16.93 -8.28 8.65
N TYR A 281 -16.74 -6.99 8.89
CA TYR A 281 -17.73 -6.25 9.66
C TYR A 281 -19.08 -6.30 8.93
N PRO A 282 -20.17 -6.67 9.61
CA PRO A 282 -21.41 -6.99 8.89
C PRO A 282 -21.97 -5.78 8.17
N GLN A 283 -22.42 -6.02 6.93
CA GLN A 283 -23.13 -5.04 6.13
C GLN A 283 -24.32 -5.76 5.52
N GLU A 284 -25.53 -5.29 5.82
CA GLU A 284 -26.72 -6.01 5.39
C GLU A 284 -26.72 -6.20 3.88
N ASN A 285 -27.07 -7.40 3.44
CA ASN A 285 -27.15 -7.77 2.03
C ASN A 285 -25.81 -7.81 1.34
N ILE A 286 -24.70 -7.83 2.10
CA ILE A 286 -23.37 -7.90 1.51
C ILE A 286 -22.53 -8.96 2.19
N ILE A 287 -22.27 -8.77 3.49
CA ILE A 287 -21.40 -9.66 4.25
C ILE A 287 -22.01 -9.85 5.64
N ASP A 288 -22.09 -11.10 6.07
CA ASP A 288 -22.57 -11.47 7.39
C ASP A 288 -21.46 -12.21 8.12
N THR A 289 -21.20 -11.82 9.36
CA THR A 289 -20.22 -12.48 10.21
C THR A 289 -20.82 -12.67 11.60
N PHE A 290 -20.75 -13.89 12.11
CA PHE A 290 -21.22 -14.21 13.45
C PHE A 290 -20.07 -14.80 14.24
N VAL A 291 -19.93 -14.39 15.49
CA VAL A 291 -18.86 -14.87 16.35
C VAL A 291 -19.50 -15.73 17.44
N VAL A 292 -18.72 -16.68 17.97
CA VAL A 292 -19.11 -17.44 19.16
C VAL A 292 -18.36 -16.84 20.34
N GLU A 293 -19.11 -16.26 21.28
CA GLU A 293 -18.57 -15.71 22.52
C GLU A 293 -19.00 -16.63 23.66
N ASN A 294 -18.04 -17.26 24.33
CA ASN A 294 -18.34 -18.36 25.24
C ASN A 294 -18.72 -17.84 26.64
N ALA A 295 -18.85 -18.76 27.59
CA ALA A 295 -19.29 -18.43 28.95
C ALA A 295 -18.27 -17.61 29.73
N ASN A 296 -17.03 -17.54 29.25
CA ASN A 296 -15.99 -16.71 29.81
C ASN A 296 -15.89 -15.35 29.15
N GLY A 297 -16.72 -15.10 28.15
CA GLY A 297 -16.61 -13.86 27.40
C GLY A 297 -15.56 -13.89 26.31
N GLU A 298 -14.94 -15.03 26.06
CA GLU A 298 -13.92 -15.17 25.01
C GLU A 298 -14.58 -15.48 23.66
N VAL A 299 -14.14 -14.80 22.60
CA VAL A 299 -14.57 -15.17 21.25
C VAL A 299 -13.66 -16.28 20.75
N THR A 300 -14.25 -17.42 20.42
CA THR A 300 -13.49 -18.62 20.10
C THR A 300 -13.66 -19.09 18.65
N ASP A 301 -14.71 -18.66 17.96
CA ASP A 301 -15.01 -19.14 16.61
C ASP A 301 -15.72 -18.01 15.87
N PHE A 302 -15.69 -18.08 14.54
CA PHE A 302 -16.60 -17.23 13.76
C PHE A 302 -16.91 -17.87 12.42
N LEU A 303 -18.05 -17.48 11.87
CA LEU A 303 -18.49 -17.92 10.55
C LEU A 303 -18.87 -16.69 9.75
N SER A 304 -18.74 -16.79 8.42
CA SER A 304 -19.07 -15.64 7.59
C SER A 304 -19.51 -16.11 6.20
N PHE A 305 -20.41 -15.34 5.59
CA PHE A 305 -20.86 -15.61 4.23
C PHE A 305 -21.27 -14.28 3.58
N TYR A 306 -21.02 -14.16 2.27
CA TYR A 306 -21.44 -12.98 1.54
C TYR A 306 -22.66 -13.27 0.67
N THR A 307 -23.34 -12.18 0.28
CA THR A 307 -24.61 -12.22 -0.42
C THR A 307 -24.37 -11.97 -1.91
N LEU A 308 -24.75 -12.92 -2.76
CA LEU A 308 -24.55 -12.78 -4.19
C LEU A 308 -25.72 -13.42 -4.95
N PRO A 309 -26.76 -12.66 -5.23
CA PRO A 309 -27.92 -13.22 -5.93
C PRO A 309 -27.61 -13.42 -7.41
N SER A 310 -28.49 -14.17 -8.08
N SER A 310 -28.49 -14.18 -8.07
CA SER A 310 -28.36 -14.38 -9.51
CA SER A 310 -28.38 -14.39 -9.51
C SER A 310 -29.70 -14.13 -10.19
C SER A 310 -29.71 -14.09 -10.18
N THR A 311 -29.64 -13.39 -11.30
CA THR A 311 -30.82 -13.17 -12.13
C THR A 311 -31.31 -14.49 -12.70
N ILE A 312 -32.62 -14.67 -12.72
CA ILE A 312 -33.24 -15.82 -13.38
C ILE A 312 -33.56 -15.38 -14.79
N MET A 313 -32.75 -15.83 -15.76
CA MET A 313 -32.74 -15.23 -17.09
C MET A 313 -34.04 -15.46 -17.84
N ASN A 314 -34.73 -16.56 -17.56
CA ASN A 314 -36.00 -16.80 -18.23
C ASN A 314 -37.10 -15.87 -17.73
N HIS A 315 -36.99 -15.42 -16.49
CA HIS A 315 -37.97 -14.52 -15.89
C HIS A 315 -37.22 -13.36 -15.23
N PRO A 316 -36.73 -12.40 -16.02
CA PRO A 316 -36.03 -11.25 -15.43
C PRO A 316 -36.91 -10.44 -14.51
N THR A 317 -38.24 -10.56 -14.66
CA THR A 317 -39.19 -9.90 -13.78
C THR A 317 -39.16 -10.51 -12.38
N HIS A 318 -39.01 -11.82 -12.28
CA HIS A 318 -39.08 -12.50 -11.00
C HIS A 318 -37.92 -12.09 -10.10
N LYS A 319 -38.12 -12.30 -8.80
CA LYS A 319 -37.07 -12.01 -7.84
C LYS A 319 -35.87 -12.90 -8.09
N SER A 320 -34.69 -12.33 -7.97
CA SER A 320 -33.45 -13.08 -8.16
C SER A 320 -33.38 -14.28 -7.22
N LEU A 321 -32.56 -15.24 -7.60
CA LEU A 321 -32.22 -16.36 -6.73
C LEU A 321 -31.21 -15.90 -5.68
N LYS A 322 -31.58 -16.00 -4.41
CA LYS A 322 -30.78 -15.44 -3.32
C LYS A 322 -29.80 -16.49 -2.81
N ALA A 323 -28.52 -16.28 -3.07
CA ALA A 323 -27.48 -17.23 -2.71
C ALA A 323 -26.52 -16.62 -1.70
N ALA A 324 -26.14 -17.41 -0.71
CA ALA A 324 -25.12 -17.05 0.26
C ALA A 324 -23.86 -17.85 -0.05
N TYR A 325 -22.70 -17.21 0.01
CA TYR A 325 -21.44 -17.87 -0.32
C TYR A 325 -20.58 -17.93 0.94
N SER A 326 -20.20 -19.15 1.33
CA SER A 326 -19.29 -19.34 2.45
C SER A 326 -18.01 -18.53 2.22
N PHE A 327 -17.58 -17.82 3.26
CA PHE A 327 -16.46 -16.91 3.14
C PHE A 327 -15.32 -17.52 3.95
N TYR A 328 -15.05 -17.04 5.17
CA TYR A 328 -14.06 -17.66 6.03
C TYR A 328 -14.72 -18.12 7.31
N ASN A 329 -14.45 -19.36 7.71
CA ASN A 329 -15.03 -19.96 8.89
C ASN A 329 -13.90 -20.50 9.75
N VAL A 330 -13.79 -19.99 10.97
CA VAL A 330 -12.68 -20.32 11.86
C VAL A 330 -13.25 -20.97 13.11
N HIS A 331 -12.73 -22.13 13.46
CA HIS A 331 -13.17 -22.88 14.64
C HIS A 331 -11.95 -23.15 15.51
N THR A 332 -12.06 -22.85 16.81
CA THR A 332 -11.08 -23.31 17.78
C THR A 332 -11.69 -24.02 18.96
N GLN A 333 -12.96 -23.85 19.23
N GLN A 333 -12.99 -23.84 19.24
CA GLN A 333 -13.66 -24.58 20.29
CA GLN A 333 -13.64 -24.57 20.34
C GLN A 333 -14.95 -25.21 19.81
C GLN A 333 -14.95 -25.19 19.89
N THR A 334 -15.68 -24.54 18.93
CA THR A 334 -16.90 -25.12 18.37
C THR A 334 -16.52 -26.04 17.20
N PRO A 335 -17.05 -27.27 17.15
CA PRO A 335 -16.76 -28.12 15.98
C PRO A 335 -17.21 -27.45 14.70
N LEU A 336 -16.37 -27.56 13.66
CA LEU A 336 -16.70 -26.93 12.38
C LEU A 336 -18.05 -27.39 11.85
N LEU A 337 -18.35 -28.68 12.04
CA LEU A 337 -19.66 -29.19 11.61
C LEU A 337 -20.80 -28.42 12.26
N ASP A 338 -20.69 -28.13 13.56
CA ASP A 338 -21.70 -27.35 14.26
C ASP A 338 -21.73 -25.90 13.75
N LEU A 339 -20.55 -25.31 13.58
CA LEU A 339 -20.48 -23.94 13.08
C LEU A 339 -21.19 -23.81 11.74
N MET A 340 -20.95 -24.77 10.83
CA MET A 340 -21.55 -24.66 9.51
C MET A 340 -23.04 -25.00 9.54
N SER A 341 -23.45 -25.89 10.46
CA SER A 341 -24.88 -26.10 10.65
C SER A 341 -25.58 -24.79 11.06
N ASP A 342 -24.95 -24.01 11.94
CA ASP A 342 -25.55 -22.73 12.31
C ASP A 342 -25.49 -21.72 11.17
N ALA A 343 -24.44 -21.76 10.36
CA ALA A 343 -24.42 -20.92 9.16
C ALA A 343 -25.63 -21.20 8.27
N LEU A 344 -25.96 -22.48 8.07
CA LEU A 344 -27.12 -22.80 7.22
C LEU A 344 -28.40 -22.25 7.83
N VAL A 345 -28.58 -22.42 9.14
CA VAL A 345 -29.79 -21.96 9.81
C VAL A 345 -29.91 -20.44 9.72
N LEU A 346 -28.80 -19.73 9.91
CA LEU A 346 -28.81 -18.27 9.81
C LEU A 346 -29.14 -17.82 8.39
N ALA A 347 -28.54 -18.46 7.38
CA ALA A 347 -28.83 -18.10 6.00
C ALA A 347 -30.31 -18.32 5.67
N LYS A 348 -30.85 -19.45 6.10
CA LYS A 348 -32.28 -19.71 5.93
C LYS A 348 -33.11 -18.62 6.60
N MET A 349 -32.76 -18.27 7.84
CA MET A 349 -33.46 -17.21 8.55
C MET A 349 -33.45 -15.90 7.77
N LYS A 350 -32.33 -15.59 7.13
CA LYS A 350 -32.22 -14.33 6.41
C LYS A 350 -32.86 -14.35 5.03
N GLY A 351 -33.43 -15.48 4.62
CA GLY A 351 -34.15 -15.54 3.36
C GLY A 351 -33.37 -16.02 2.15
N PHE A 352 -32.20 -16.63 2.34
CA PHE A 352 -31.47 -17.19 1.21
C PHE A 352 -32.13 -18.47 0.71
N ASP A 353 -32.01 -18.72 -0.60
CA ASP A 353 -32.55 -19.93 -1.22
C ASP A 353 -31.57 -21.08 -1.23
N VAL A 354 -30.27 -20.78 -1.25
CA VAL A 354 -29.22 -21.77 -1.37
C VAL A 354 -27.97 -21.22 -0.69
N PHE A 355 -27.17 -22.12 -0.13
CA PHE A 355 -25.90 -21.80 0.52
C PHE A 355 -24.81 -22.52 -0.24
N ASN A 356 -23.84 -21.76 -0.74
CA ASN A 356 -22.77 -22.28 -1.58
C ASN A 356 -21.46 -22.31 -0.81
N ALA A 357 -20.68 -23.37 -1.05
CA ALA A 357 -19.34 -23.44 -0.46
C ALA A 357 -18.43 -24.22 -1.40
N LEU A 358 -17.17 -23.80 -1.45
CA LEU A 358 -16.16 -24.53 -2.20
C LEU A 358 -15.64 -25.70 -1.37
N ASP A 359 -14.92 -26.61 -2.02
CA ASP A 359 -14.31 -27.72 -1.30
C ASP A 359 -12.91 -27.41 -0.81
N LEU A 360 -12.56 -26.13 -0.60
CA LEU A 360 -11.24 -25.78 -0.15
C LEU A 360 -11.17 -25.78 1.37
N MET A 361 -10.01 -25.38 1.92
CA MET A 361 -9.75 -25.37 3.37
C MET A 361 -10.21 -26.71 3.94
N GLU A 362 -10.98 -26.74 5.03
CA GLU A 362 -11.45 -28.00 5.59
C GLU A 362 -12.88 -28.33 5.18
N ASN A 363 -13.38 -27.72 4.11
CA ASN A 363 -14.81 -27.78 3.85
C ASN A 363 -15.27 -29.20 3.52
N LYS A 364 -14.38 -30.02 2.94
CA LYS A 364 -14.75 -31.39 2.63
C LYS A 364 -15.17 -32.17 3.87
N THR A 365 -14.73 -31.75 5.05
CA THR A 365 -15.13 -32.45 6.27
C THR A 365 -16.60 -32.26 6.63
N PHE A 366 -17.29 -31.27 6.06
CA PHE A 366 -18.72 -31.13 6.38
C PHE A 366 -19.68 -31.18 5.20
N LEU A 367 -19.20 -31.07 3.94
CA LEU A 367 -20.13 -30.88 2.83
C LEU A 367 -21.15 -32.01 2.72
N GLU A 368 -20.69 -33.25 2.66
CA GLU A 368 -21.62 -34.37 2.53
C GLU A 368 -22.47 -34.52 3.78
N LYS A 369 -21.86 -34.40 4.96
CA LYS A 369 -22.62 -34.59 6.20
C LYS A 369 -23.75 -33.59 6.33
N LEU A 370 -23.58 -32.37 5.82
CA LEU A 370 -24.62 -31.35 5.93
C LEU A 370 -25.50 -31.28 4.69
N LYS A 371 -25.46 -32.33 3.86
CA LYS A 371 -26.38 -32.53 2.75
C LYS A 371 -26.16 -31.52 1.62
N PHE A 372 -24.94 -30.99 1.48
CA PHE A 372 -24.58 -30.31 0.24
C PHE A 372 -24.58 -31.30 -0.92
N GLY A 373 -24.84 -30.79 -2.13
CA GLY A 373 -24.70 -31.57 -3.34
C GLY A 373 -23.64 -30.94 -4.23
N ILE A 374 -22.99 -31.78 -5.04
CA ILE A 374 -21.86 -31.28 -5.81
C ILE A 374 -22.37 -30.43 -6.98
N GLY A 375 -21.62 -29.37 -7.31
CA GLY A 375 -22.00 -28.45 -8.35
C GLY A 375 -21.41 -28.84 -9.71
N ASP A 376 -21.72 -28.04 -10.73
CA ASP A 376 -21.40 -28.43 -12.10
C ASP A 376 -20.22 -27.67 -12.69
N GLY A 377 -19.40 -27.07 -11.86
CA GLY A 377 -18.29 -26.27 -12.37
C GLY A 377 -17.10 -26.29 -11.45
N ASN A 378 -15.92 -26.32 -12.04
CA ASN A 378 -14.67 -26.17 -11.31
C ASN A 378 -14.24 -24.71 -11.31
N LEU A 379 -13.83 -24.23 -10.15
CA LEU A 379 -13.21 -22.91 -10.02
C LEU A 379 -11.70 -23.12 -9.94
N GLN A 380 -10.99 -22.65 -10.97
CA GLN A 380 -9.53 -22.72 -10.99
C GLN A 380 -8.94 -21.49 -10.30
N TYR A 381 -7.87 -21.70 -9.53
CA TYR A 381 -7.09 -20.62 -8.92
C TYR A 381 -5.78 -20.45 -9.68
N TYR A 382 -5.35 -19.21 -9.82
CA TYR A 382 -4.18 -18.89 -10.63
C TYR A 382 -3.32 -17.85 -9.93
N LEU A 383 -2.01 -17.94 -10.17
CA LEU A 383 -1.05 -16.89 -9.86
C LEU A 383 -0.39 -16.41 -11.15
N TYR A 384 -0.18 -15.11 -11.25
CA TYR A 384 0.49 -14.50 -12.38
C TYR A 384 1.92 -14.13 -11.98
N ASN A 385 2.89 -14.54 -12.80
CA ASN A 385 4.31 -14.27 -12.57
C ASN A 385 4.80 -14.87 -11.27
N TRP A 386 4.26 -16.06 -10.91
CA TRP A 386 4.77 -16.81 -9.78
C TRP A 386 4.65 -18.28 -10.11
N LYS A 387 5.78 -18.96 -10.18
CA LYS A 387 5.86 -20.34 -10.60
C LYS A 387 6.11 -21.17 -9.35
N CYS A 388 5.13 -21.99 -8.98
CA CYS A 388 5.21 -22.82 -7.78
C CYS A 388 4.45 -24.11 -8.03
N PRO A 389 4.64 -25.13 -7.19
CA PRO A 389 3.88 -26.38 -7.37
C PRO A 389 2.39 -26.16 -7.17
N SER A 390 1.58 -26.99 -7.82
CA SER A 390 0.16 -26.90 -7.55
C SER A 390 -0.15 -27.54 -6.21
N MET A 391 -1.36 -27.33 -5.71
CA MET A 391 -1.78 -27.86 -4.41
C MET A 391 -3.19 -28.40 -4.54
N GLY A 392 -3.56 -29.27 -3.59
CA GLY A 392 -4.92 -29.77 -3.53
C GLY A 392 -5.86 -28.73 -2.98
N ALA A 393 -7.16 -28.90 -3.28
CA ALA A 393 -8.14 -27.91 -2.85
C ALA A 393 -8.09 -27.66 -1.35
N GLU A 394 -7.80 -28.70 -0.57
CA GLU A 394 -7.84 -28.56 0.88
C GLU A 394 -6.68 -27.71 1.41
N LYS A 395 -5.70 -27.40 0.59
CA LYS A 395 -4.63 -26.50 0.98
C LYS A 395 -4.88 -25.07 0.51
N VAL A 396 -5.90 -24.85 -0.32
CA VAL A 396 -6.26 -23.49 -0.73
C VAL A 396 -7.04 -22.83 0.40
N GLY A 397 -6.54 -21.67 0.86
CA GLY A 397 -7.16 -20.94 1.96
C GLY A 397 -7.48 -19.52 1.56
N LEU A 398 -7.97 -19.32 0.34
CA LEU A 398 -8.27 -17.99 -0.17
C LEU A 398 -9.63 -18.01 -0.85
N VAL A 399 -10.50 -17.08 -0.47
CA VAL A 399 -11.85 -16.99 -1.01
C VAL A 399 -12.05 -15.59 -1.56
N LEU A 400 -12.33 -15.48 -2.85
CA LEU A 400 -12.58 -14.22 -3.52
C LEU A 400 -14.09 -13.98 -3.64
N GLN A 401 -14.47 -12.91 -4.36
CA GLN A 401 -15.88 -12.54 -4.54
C GLN A 401 -16.38 -12.82 -5.94
N GLY B 9 16.11 16.48 28.37
CA GLY B 9 17.53 16.50 28.07
C GLY B 9 17.90 15.69 26.84
N PRO B 10 17.64 16.26 25.65
CA PRO B 10 17.72 15.48 24.39
C PRO B 10 19.00 14.70 24.11
N ALA B 11 20.15 15.40 24.12
CA ALA B 11 21.49 14.89 23.84
C ALA B 11 21.80 14.90 22.34
N LYS B 12 22.57 15.91 21.91
N LYS B 12 22.57 15.91 21.91
CA LYS B 12 22.97 16.06 20.51
CA LYS B 12 22.97 16.05 20.51
C LYS B 12 24.17 15.20 20.15
C LYS B 12 24.18 15.22 20.15
N THR B 13 24.91 14.70 21.14
CA THR B 13 26.12 13.93 20.89
C THR B 13 26.04 12.60 21.62
N MET B 14 26.84 11.64 21.16
CA MET B 14 26.93 10.35 21.85
C MET B 14 27.56 10.50 23.23
N GLU B 15 28.35 11.56 23.46
CA GLU B 15 28.86 11.82 24.80
C GLU B 15 27.73 12.09 25.77
N GLU B 16 26.94 13.13 25.50
CA GLU B 16 25.80 13.43 26.36
C GLU B 16 24.79 12.30 26.38
N ALA B 17 24.68 11.55 25.28
CA ALA B 17 23.69 10.47 25.17
C ALA B 17 24.02 9.30 26.09
N SER B 18 25.31 9.01 26.30
CA SER B 18 25.68 7.88 27.13
C SER B 18 25.37 8.12 28.61
N LYS B 19 25.24 9.38 29.04
CA LYS B 19 24.91 9.71 30.41
C LYS B 19 23.40 9.86 30.62
N ARG B 20 22.59 9.20 29.80
CA ARG B 20 21.16 9.43 29.75
C ARG B 20 20.40 8.14 30.07
N SER B 21 19.22 8.29 30.64
CA SER B 21 18.24 7.21 30.76
C SER B 21 17.07 7.52 29.84
N TYR B 22 16.67 6.55 29.04
CA TYR B 22 15.60 6.73 28.05
C TYR B 22 14.32 6.12 28.60
N GLN B 23 13.59 6.91 29.38
CA GLN B 23 12.36 6.44 30.00
C GLN B 23 11.37 5.92 28.95
N PHE B 24 11.18 6.66 27.86
CA PHE B 24 10.28 6.20 26.81
C PHE B 24 10.95 5.16 25.92
N TRP B 25 12.13 5.47 25.38
CA TRP B 25 12.70 4.58 24.37
C TRP B 25 13.11 3.21 24.92
N ASP B 26 13.37 3.10 26.22
CA ASP B 26 13.61 1.78 26.79
C ASP B 26 12.40 0.85 26.67
N THR B 27 11.20 1.41 26.53
CA THR B 27 9.99 0.60 26.41
C THR B 27 9.70 0.16 24.98
N GLN B 28 10.46 0.66 24.00
CA GLN B 28 10.14 0.50 22.60
C GLN B 28 10.96 -0.63 21.97
N PRO B 29 10.50 -1.21 20.85
CA PRO B 29 11.25 -2.31 20.22
C PRO B 29 12.39 -1.80 19.35
N VAL B 30 13.43 -1.30 20.01
CA VAL B 30 14.67 -0.87 19.37
C VAL B 30 15.85 -1.37 20.19
N PRO B 31 17.03 -1.51 19.57
CA PRO B 31 18.20 -1.95 20.34
C PRO B 31 18.65 -0.90 21.34
N LYS B 32 19.34 -1.37 22.38
CA LYS B 32 19.90 -0.46 23.37
C LYS B 32 21.08 0.30 22.77
N LEU B 33 21.27 1.54 23.26
CA LEU B 33 22.39 2.35 22.78
C LEU B 33 23.73 1.66 23.01
N GLY B 34 23.86 0.88 24.09
CA GLY B 34 25.12 0.26 24.43
C GLY B 34 25.54 -0.90 23.55
N GLU B 35 24.60 -1.80 23.23
CA GLU B 35 24.95 -3.07 22.60
C GLU B 35 25.42 -2.87 21.14
N VAL B 36 26.21 -3.84 20.68
CA VAL B 36 26.52 -3.99 19.27
C VAL B 36 25.54 -4.99 18.68
N VAL B 37 24.98 -4.68 17.51
CA VAL B 37 23.96 -5.52 16.91
C VAL B 37 24.63 -6.49 15.94
N ASN B 38 24.43 -7.78 16.17
CA ASN B 38 25.09 -8.82 15.39
C ASN B 38 24.12 -9.64 14.54
N THR B 39 22.81 -9.36 14.61
CA THR B 39 21.77 -10.13 13.95
C THR B 39 21.06 -9.27 12.91
N HIS B 40 20.08 -9.89 12.23
CA HIS B 40 19.28 -9.24 11.20
C HIS B 40 17.82 -9.65 11.38
N GLY B 41 16.96 -8.75 11.84
CA GLY B 41 15.55 -9.03 11.85
C GLY B 41 14.72 -8.22 12.85
N PRO B 42 13.45 -8.57 12.99
CA PRO B 42 12.56 -7.78 13.85
C PRO B 42 12.96 -7.89 15.32
N VAL B 43 12.76 -6.79 16.05
CA VAL B 43 12.98 -6.82 17.49
C VAL B 43 11.92 -7.67 18.18
N GLU B 44 10.67 -7.59 17.72
CA GLU B 44 9.54 -8.31 18.28
C GLU B 44 8.63 -8.75 17.16
N PRO B 45 7.79 -9.76 17.38
CA PRO B 45 6.96 -10.29 16.27
C PRO B 45 5.87 -9.32 15.89
N ASP B 46 5.35 -9.52 14.67
CA ASP B 46 4.16 -8.79 14.25
C ASP B 46 3.04 -9.06 15.24
N LYS B 47 2.28 -8.02 15.57
CA LYS B 47 1.14 -8.16 16.46
C LYS B 47 -0.08 -8.63 15.67
N ASP B 48 -0.85 -9.56 16.23
CA ASP B 48 -2.07 -9.97 15.56
C ASP B 48 -3.33 -9.45 16.23
N ASN B 49 -3.21 -8.65 17.29
CA ASN B 49 -4.31 -7.77 17.68
C ASN B 49 -3.72 -6.42 18.08
N ILE B 50 -4.39 -5.36 17.64
CA ILE B 50 -3.93 -3.99 17.79
C ILE B 50 -4.96 -3.22 18.62
N ARG B 51 -4.47 -2.43 19.56
CA ARG B 51 -5.29 -1.52 20.35
C ARG B 51 -6.21 -0.70 19.46
N GLN B 52 -7.52 -0.77 19.71
CA GLN B 52 -8.49 -0.07 18.87
C GLN B 52 -8.71 1.39 19.28
N GLU B 53 -8.43 1.72 20.53
CA GLU B 53 -8.70 3.03 21.12
C GLU B 53 -7.48 3.93 20.96
N PRO B 54 -7.67 5.18 20.56
CA PRO B 54 -6.55 6.12 20.54
C PRO B 54 -5.99 6.31 21.93
N TYR B 55 -4.68 6.54 22.00
CA TYR B 55 -4.05 6.80 23.28
C TYR B 55 -4.61 8.08 23.91
N THR B 56 -4.62 8.11 25.24
N THR B 56 -4.64 8.11 25.24
CA THR B 56 -5.14 9.24 25.99
CA THR B 56 -5.18 9.25 25.96
C THR B 56 -4.16 10.42 25.94
C THR B 56 -4.19 10.41 25.95
N LEU B 57 -4.70 11.61 25.65
CA LEU B 57 -3.99 12.88 25.69
C LEU B 57 -4.34 13.61 26.97
N PRO B 58 -3.53 14.60 27.38
CA PRO B 58 -3.87 15.38 28.57
C PRO B 58 -5.22 16.06 28.40
N GLN B 59 -5.87 16.35 29.53
CA GLN B 59 -7.19 16.95 29.50
C GLN B 59 -7.14 18.25 28.70
N GLY B 60 -8.13 18.44 27.84
CA GLY B 60 -8.24 19.65 27.04
C GLY B 60 -7.70 19.55 25.63
N PHE B 61 -7.22 18.37 25.23
CA PHE B 61 -6.63 18.16 23.90
C PHE B 61 -7.27 16.93 23.27
N THR B 62 -7.31 16.92 21.95
CA THR B 62 -7.99 15.85 21.23
C THR B 62 -7.23 15.55 19.95
N TRP B 63 -7.36 14.31 19.47
CA TRP B 63 -6.77 13.92 18.19
C TRP B 63 -7.57 14.52 17.04
N ASP B 64 -6.89 14.77 15.91
CA ASP B 64 -7.60 15.15 14.69
C ASP B 64 -6.74 14.79 13.50
N ALA B 65 -7.27 13.97 12.59
CA ALA B 65 -6.55 13.65 11.35
C ALA B 65 -6.69 14.80 10.37
N LEU B 66 -5.56 15.25 9.82
CA LEU B 66 -5.56 16.49 9.04
C LEU B 66 -5.74 16.17 7.56
N ASP B 67 -6.83 16.67 6.97
CA ASP B 67 -7.07 16.56 5.54
C ASP B 67 -6.35 17.71 4.85
N LEU B 68 -5.16 17.44 4.32
CA LEU B 68 -4.36 18.51 3.73
C LEU B 68 -4.96 19.04 2.43
N GLY B 69 -5.95 18.35 1.86
CA GLY B 69 -6.67 18.88 0.73
C GLY B 69 -7.52 20.09 1.04
N ASP B 70 -7.85 20.30 2.32
CA ASP B 70 -8.50 21.51 2.79
C ASP B 70 -7.42 22.57 2.99
N ARG B 71 -7.42 23.60 2.14
CA ARG B 71 -6.33 24.58 2.16
C ARG B 71 -6.22 25.26 3.52
N GLY B 72 -7.34 25.46 4.22
CA GLY B 72 -7.28 26.05 5.54
C GLY B 72 -6.57 25.16 6.55
N VAL B 73 -6.84 23.86 6.50
CA VAL B 73 -6.14 22.92 7.38
C VAL B 73 -4.66 22.86 7.02
N LEU B 74 -4.35 22.84 5.72
CA LEU B 74 -2.95 22.84 5.32
C LEU B 74 -2.23 24.08 5.85
N LYS B 75 -2.91 25.22 5.82
CA LYS B 75 -2.29 26.44 6.33
C LYS B 75 -2.11 26.40 7.85
N GLU B 76 -3.00 25.71 8.57
CA GLU B 76 -2.81 25.52 10.01
C GLU B 76 -1.54 24.71 10.29
N LEU B 77 -1.32 23.64 9.52
CA LEU B 77 -0.10 22.86 9.67
C LEU B 77 1.13 23.69 9.32
N TYR B 78 1.07 24.39 8.18
CA TYR B 78 2.14 25.32 7.82
C TYR B 78 2.50 26.21 9.01
N THR B 79 1.48 26.79 9.65
CA THR B 79 1.75 27.73 10.73
C THR B 79 2.32 27.04 11.96
N LEU B 80 1.78 25.88 12.33
CA LEU B 80 2.34 25.13 13.45
C LEU B 80 3.83 24.90 13.26
N LEU B 81 4.23 24.41 12.08
CA LEU B 81 5.63 24.08 11.84
C LEU B 81 6.48 25.33 11.70
N ASN B 82 5.95 26.34 11.01
CA ASN B 82 6.69 27.59 10.84
C ASN B 82 7.04 28.22 12.19
N GLU B 83 6.17 28.09 13.18
CA GLU B 83 6.40 28.71 14.47
C GLU B 83 7.01 27.78 15.50
N ASN B 84 6.98 26.46 15.30
CA ASN B 84 7.33 25.53 16.36
C ASN B 84 8.22 24.36 15.97
N TYR B 85 8.63 24.24 14.71
CA TYR B 85 9.37 23.07 14.27
C TYR B 85 10.87 23.27 14.52
N VAL B 86 11.71 22.51 13.81
CA VAL B 86 13.13 22.37 14.14
C VAL B 86 13.89 23.68 13.96
N GLU B 87 14.72 24.02 14.95
CA GLU B 87 15.64 25.13 14.88
C GLU B 87 17.08 24.63 14.88
N ASP B 88 18.00 25.48 14.43
CA ASP B 88 19.40 25.13 14.54
C ASP B 88 19.83 25.14 16.01
N ASP B 89 21.07 24.69 16.24
CA ASP B 89 21.59 24.53 17.59
C ASP B 89 21.56 25.84 18.38
N ASP B 90 21.72 26.97 17.71
CA ASP B 90 21.82 28.25 18.40
C ASP B 90 20.53 29.04 18.35
N ASN B 91 19.42 28.42 17.92
CA ASN B 91 18.09 29.06 17.91
C ASN B 91 18.11 30.35 17.10
N MET B 92 18.79 30.32 15.95
CA MET B 92 18.84 31.46 15.07
C MET B 92 18.04 31.25 13.79
N PHE B 93 17.79 30.00 13.41
CA PHE B 93 17.07 29.64 12.20
C PHE B 93 16.04 28.58 12.54
N ARG B 94 14.94 28.54 11.77
CA ARG B 94 13.91 27.53 11.96
C ARG B 94 13.40 27.11 10.58
N PHE B 95 13.13 25.81 10.41
CA PHE B 95 12.63 25.35 9.11
C PHE B 95 11.37 26.11 8.72
N ASP B 96 11.20 26.35 7.41
CA ASP B 96 10.01 27.02 6.90
C ASP B 96 9.46 26.25 5.69
N TYR B 97 9.08 24.98 5.93
CA TYR B 97 8.43 24.17 4.90
C TYR B 97 7.20 24.87 4.35
N SER B 98 7.14 25.00 3.04
CA SER B 98 6.00 25.66 2.42
C SER B 98 4.77 24.74 2.42
N PRO B 99 3.58 25.31 2.27
CA PRO B 99 2.39 24.48 2.14
C PRO B 99 2.48 23.49 0.98
N GLU B 100 2.98 23.93 -0.19
CA GLU B 100 3.00 23.04 -1.35
C GLU B 100 4.05 21.96 -1.16
N PHE B 101 5.15 22.28 -0.48
CA PHE B 101 6.14 21.27 -0.11
C PHE B 101 5.52 20.23 0.81
N LEU B 102 4.76 20.67 1.81
CA LEU B 102 4.13 19.72 2.73
C LEU B 102 3.22 18.77 1.99
N LEU B 103 2.51 19.23 0.96
CA LEU B 103 1.68 18.33 0.17
C LEU B 103 2.53 17.30 -0.58
N TRP B 104 3.69 17.72 -1.07
CA TRP B 104 4.60 16.79 -1.75
C TRP B 104 5.14 15.73 -0.79
N ALA B 105 5.55 16.15 0.39
CA ALA B 105 6.15 15.23 1.35
C ALA B 105 5.11 14.34 2.01
N LEU B 106 3.86 14.79 2.11
CA LEU B 106 2.86 14.09 2.89
C LEU B 106 1.78 13.42 2.07
N ARG B 107 1.75 13.65 0.75
CA ARG B 107 0.81 12.92 -0.12
C ARG B 107 1.51 12.20 -1.27
N PRO B 108 2.51 11.36 -0.98
CA PRO B 108 3.04 10.50 -2.03
C PRO B 108 2.10 9.33 -2.27
N PRO B 109 2.36 8.50 -3.28
CA PRO B 109 1.50 7.33 -3.51
C PRO B 109 1.29 6.50 -2.25
N GLY B 110 0.02 6.17 -1.98
CA GLY B 110 -0.31 5.34 -0.83
C GLY B 110 -0.49 6.09 0.46
N TRP B 111 -0.44 7.41 0.44
CA TRP B 111 -0.63 8.19 1.67
C TRP B 111 -2.02 7.93 2.26
N LEU B 112 -2.11 8.09 3.57
CA LEU B 112 -3.36 7.88 4.28
C LEU B 112 -3.68 9.08 5.15
N PRO B 113 -4.94 9.52 5.13
CA PRO B 113 -5.30 10.67 5.97
C PRO B 113 -5.10 10.42 7.45
N GLN B 114 -5.36 9.21 7.94
CA GLN B 114 -5.19 8.96 9.38
C GLN B 114 -3.73 9.01 9.81
N TRP B 115 -2.80 8.96 8.85
CA TRP B 115 -1.38 9.06 9.19
C TRP B 115 -0.88 10.50 9.20
N HIS B 116 -1.78 11.48 9.04
CA HIS B 116 -1.47 12.90 9.27
C HIS B 116 -2.07 13.25 10.63
N CYS B 117 -1.33 12.90 11.68
CA CYS B 117 -1.88 12.77 13.03
C CYS B 117 -1.70 14.09 13.79
N GLY B 118 -2.79 14.86 13.93
CA GLY B 118 -2.75 16.13 14.62
C GLY B 118 -3.30 16.08 16.04
N VAL B 119 -2.91 17.09 16.82
CA VAL B 119 -3.44 17.34 18.16
C VAL B 119 -4.02 18.75 18.20
N ARG B 120 -5.25 18.88 18.68
CA ARG B 120 -5.88 20.19 18.79
C ARG B 120 -6.31 20.47 20.22
N VAL B 121 -6.34 21.76 20.56
CA VAL B 121 -6.98 22.22 21.80
C VAL B 121 -8.48 22.08 21.65
N VAL B 122 -9.13 21.39 22.59
CA VAL B 122 -10.57 21.13 22.46
C VAL B 122 -11.35 22.44 22.32
N SER B 123 -11.07 23.41 23.19
CA SER B 123 -11.89 24.62 23.23
C SER B 123 -11.67 25.50 22.00
N SER B 124 -10.42 25.80 21.67
CA SER B 124 -10.14 26.74 20.58
C SER B 124 -9.94 26.07 19.23
N ARG B 125 -9.73 24.75 19.19
CA ARG B 125 -9.37 23.99 18.00
C ARG B 125 -7.98 24.34 17.47
N LYS B 126 -7.17 25.05 18.26
CA LYS B 126 -5.82 25.39 17.82
C LYS B 126 -4.99 24.13 17.62
N LEU B 127 -4.28 24.06 16.49
CA LEU B 127 -3.39 22.93 16.23
C LEU B 127 -2.10 23.10 17.02
N VAL B 128 -1.78 22.12 17.88
CA VAL B 128 -0.65 22.23 18.78
C VAL B 128 0.29 21.03 18.73
N GLY B 129 -0.01 20.01 17.93
CA GLY B 129 0.88 18.87 17.82
C GLY B 129 0.68 18.16 16.50
N PHE B 130 1.73 17.48 16.05
CA PHE B 130 1.64 16.79 14.76
C PHE B 130 2.73 15.72 14.67
N ILE B 131 2.39 14.65 13.97
CA ILE B 131 3.36 13.65 13.52
C ILE B 131 2.77 12.98 12.29
N SER B 132 3.63 12.49 11.41
CA SER B 132 3.14 11.94 10.16
C SER B 132 3.85 10.65 9.80
N ALA B 133 3.17 9.81 9.03
CA ALA B 133 3.76 8.63 8.43
C ALA B 133 3.37 8.58 6.95
N ILE B 134 4.32 8.17 6.11
CA ILE B 134 4.02 7.85 4.71
C ILE B 134 4.59 6.47 4.43
N PRO B 135 3.97 5.69 3.55
CA PRO B 135 4.48 4.35 3.27
C PRO B 135 5.71 4.41 2.38
N ALA B 136 6.59 3.42 2.56
CA ALA B 136 7.78 3.31 1.73
C ALA B 136 8.28 1.88 1.77
N ASN B 137 8.65 1.35 0.61
CA ASN B 137 9.37 0.09 0.56
C ASN B 137 10.84 0.38 0.79
N ILE B 138 11.42 -0.27 1.79
CA ILE B 138 12.78 0.02 2.23
C ILE B 138 13.61 -1.24 2.06
N HIS B 139 14.79 -1.08 1.45
CA HIS B 139 15.75 -2.17 1.31
C HIS B 139 16.83 -1.96 2.37
N ILE B 140 17.00 -2.95 3.26
CA ILE B 140 17.97 -2.83 4.35
C ILE B 140 18.81 -4.10 4.34
N TYR B 141 20.10 -3.94 4.01
CA TYR B 141 20.98 -5.06 3.71
C TYR B 141 20.31 -6.00 2.72
N ASP B 142 20.04 -7.24 3.12
CA ASP B 142 19.49 -8.24 2.20
C ASP B 142 17.99 -8.41 2.34
N THR B 143 17.29 -7.44 2.93
CA THR B 143 15.85 -7.53 3.16
C THR B 143 15.15 -6.35 2.52
N GLU B 144 13.98 -6.61 1.95
CA GLU B 144 13.09 -5.59 1.42
C GLU B 144 11.80 -5.70 2.22
N LYS B 145 11.37 -4.59 2.80
CA LYS B 145 10.25 -4.57 3.72
C LYS B 145 9.40 -3.33 3.43
N LYS B 146 8.08 -3.51 3.47
CA LYS B 146 7.18 -2.36 3.51
C LYS B 146 7.27 -1.71 4.89
N MET B 147 7.58 -0.42 4.92
CA MET B 147 7.74 0.32 6.15
C MET B 147 6.93 1.60 6.05
N VAL B 148 7.01 2.43 7.10
CA VAL B 148 6.65 3.83 6.97
C VAL B 148 7.88 4.67 7.25
N GLU B 149 7.86 5.90 6.72
CA GLU B 149 8.80 6.95 7.09
C GLU B 149 8.06 7.92 7.99
N ILE B 150 8.65 8.23 9.14
CA ILE B 150 8.05 9.13 10.10
C ILE B 150 8.72 10.49 9.96
N ASN B 151 7.91 11.54 9.93
CA ASN B 151 8.43 12.88 9.74
C ASN B 151 7.55 13.88 10.47
N PHE B 152 8.10 15.09 10.63
CA PHE B 152 7.34 16.27 11.08
C PHE B 152 6.80 16.12 12.50
N LEU B 153 7.52 15.42 13.37
CA LEU B 153 7.11 15.37 14.76
C LEU B 153 7.29 16.75 15.38
N CYS B 154 6.20 17.35 15.83
CA CYS B 154 6.20 18.74 16.29
C CYS B 154 5.22 18.92 17.45
N VAL B 155 5.70 19.53 18.53
CA VAL B 155 4.84 19.90 19.66
C VAL B 155 4.96 21.41 19.86
N HIS B 156 3.82 22.08 19.99
CA HIS B 156 3.82 23.52 20.23
C HIS B 156 4.74 23.88 21.38
N LYS B 157 5.41 25.03 21.26
CA LYS B 157 6.39 25.45 22.26
C LYS B 157 5.77 25.51 23.66
N LYS B 158 4.50 25.93 23.76
CA LYS B 158 3.86 26.03 25.07
C LYS B 158 3.44 24.68 25.62
N LEU B 159 3.53 23.62 24.85
CA LEU B 159 3.09 22.30 25.25
C LEU B 159 4.26 21.37 25.54
N ARG B 160 5.49 21.89 25.52
CA ARG B 160 6.69 21.07 25.59
C ARG B 160 6.90 20.54 27.00
N SER B 161 7.77 19.52 27.09
CA SER B 161 8.20 18.93 28.35
C SER B 161 7.01 18.48 29.18
N LYS B 162 5.98 17.96 28.50
CA LYS B 162 4.77 17.46 29.15
C LYS B 162 4.42 16.06 28.65
N ARG B 163 5.42 15.33 28.14
CA ARG B 163 5.25 13.94 27.69
C ARG B 163 4.26 13.83 26.53
N VAL B 164 4.15 14.88 25.71
CA VAL B 164 3.25 14.79 24.55
C VAL B 164 3.92 14.09 23.37
N ALA B 165 5.23 14.27 23.17
CA ALA B 165 5.88 13.57 22.07
C ALA B 165 5.77 12.05 22.20
N PRO B 166 5.93 11.43 23.39
CA PRO B 166 5.73 9.98 23.47
C PRO B 166 4.33 9.56 23.09
N VAL B 167 3.31 10.35 23.42
CA VAL B 167 1.94 9.99 23.03
C VAL B 167 1.79 10.06 21.52
N LEU B 168 2.29 11.14 20.92
CA LEU B 168 2.29 11.24 19.46
C LEU B 168 2.96 10.03 18.82
N ILE B 169 4.09 9.59 19.37
CA ILE B 169 4.78 8.44 18.78
C ILE B 169 3.99 7.16 18.96
N ARG B 170 3.42 6.93 20.15
CA ARG B 170 2.62 5.73 20.34
C ARG B 170 1.39 5.74 19.46
N GLU B 171 0.76 6.90 19.28
CA GLU B 171 -0.47 6.95 18.49
C GLU B 171 -0.20 6.67 17.03
N ILE B 172 0.88 7.22 16.46
CA ILE B 172 1.15 6.92 15.04
C ILE B 172 1.55 5.46 14.89
N THR B 173 2.33 4.94 15.84
CA THR B 173 2.65 3.51 15.82
C THR B 173 1.38 2.67 15.75
N ARG B 174 0.40 3.00 16.59
CA ARG B 174 -0.87 2.27 16.61
C ARG B 174 -1.57 2.35 15.26
N ARG B 175 -1.66 3.57 14.70
CA ARG B 175 -2.34 3.74 13.41
C ARG B 175 -1.58 3.06 12.28
N VAL B 176 -0.27 2.92 12.41
CA VAL B 176 0.47 2.20 11.40
C VAL B 176 0.30 0.70 11.58
N HIS B 177 0.35 0.23 12.84
CA HIS B 177 0.05 -1.18 13.13
C HIS B 177 -1.29 -1.62 12.56
N LEU B 178 -2.32 -0.75 12.63
CA LEU B 178 -3.63 -1.16 12.15
C LEU B 178 -3.63 -1.45 10.65
N GLU B 179 -2.68 -0.89 9.91
CA GLU B 179 -2.56 -1.16 8.49
C GLU B 179 -1.61 -2.31 8.20
N GLY B 180 -1.15 -3.03 9.22
CA GLY B 180 -0.33 -4.19 9.01
C GLY B 180 1.14 -3.94 8.79
N ILE B 181 1.65 -2.76 9.15
CA ILE B 181 3.06 -2.42 8.98
C ILE B 181 3.71 -2.34 10.36
N PHE B 182 4.89 -2.95 10.50
CA PHE B 182 5.49 -3.09 11.82
C PHE B 182 6.93 -2.57 11.89
N GLN B 183 7.41 -1.92 10.85
CA GLN B 183 8.74 -1.32 10.84
C GLN B 183 8.63 0.10 10.34
N ALA B 184 9.59 0.94 10.75
CA ALA B 184 9.62 2.33 10.33
C ALA B 184 11.07 2.78 10.20
N VAL B 185 11.29 3.79 9.36
CA VAL B 185 12.56 4.49 9.28
C VAL B 185 12.31 5.98 9.54
N TYR B 186 13.32 6.65 10.12
CA TYR B 186 13.23 8.07 10.44
C TYR B 186 14.63 8.57 10.77
N THR B 187 14.77 9.89 10.75
CA THR B 187 15.99 10.54 11.17
C THR B 187 15.71 11.48 12.33
N ALA B 188 16.77 11.88 13.03
CA ALA B 188 16.67 12.87 14.09
C ALA B 188 18.03 13.51 14.30
N GLY B 189 18.02 14.76 14.76
CA GLY B 189 19.22 15.43 15.19
C GLY B 189 19.63 15.13 16.61
N VAL B 190 18.89 14.26 17.29
CA VAL B 190 19.25 13.84 18.64
C VAL B 190 19.67 12.38 18.58
N VAL B 191 20.38 11.94 19.60
CA VAL B 191 20.80 10.56 19.71
C VAL B 191 19.77 9.79 20.51
N LEU B 192 19.25 8.72 19.93
CA LEU B 192 18.26 7.83 20.52
C LEU B 192 18.77 6.41 20.38
N PRO B 193 18.21 5.46 21.14
CA PRO B 193 18.43 4.05 20.80
C PRO B 193 17.67 3.73 19.52
N LYS B 194 18.37 3.29 18.47
CA LYS B 194 19.84 3.27 18.34
C LYS B 194 20.16 3.54 16.86
N PRO B 195 21.06 4.48 16.57
CA PRO B 195 21.30 4.86 15.17
C PRO B 195 21.81 3.69 14.35
N VAL B 196 21.23 3.53 13.16
CA VAL B 196 21.81 2.60 12.19
C VAL B 196 22.91 3.28 11.38
N GLY B 197 22.98 4.60 11.41
CA GLY B 197 24.01 5.34 10.71
C GLY B 197 23.97 6.78 11.14
N THR B 198 25.10 7.45 11.00
CA THR B 198 25.22 8.85 11.39
C THR B 198 25.78 9.61 10.21
N CYS B 199 25.02 10.61 9.75
CA CYS B 199 25.43 11.43 8.63
C CYS B 199 25.61 12.87 9.08
N ARG B 200 26.49 13.57 8.38
CA ARG B 200 26.83 14.96 8.66
C ARG B 200 26.43 15.83 7.49
N TYR B 201 25.77 16.95 7.78
CA TYR B 201 25.51 17.94 6.73
C TYR B 201 26.77 18.75 6.44
N TRP B 202 26.99 19.01 5.16
CA TRP B 202 27.96 19.98 4.66
C TRP B 202 27.22 21.07 3.91
N HIS B 203 27.81 22.26 3.84
CA HIS B 203 27.16 23.43 3.26
C HIS B 203 28.07 24.07 2.22
N ARG B 204 27.49 24.48 1.10
CA ARG B 204 28.23 25.13 0.03
C ARG B 204 27.67 26.53 -0.14
N SER B 205 28.47 27.53 0.24
N SER B 205 28.46 27.53 0.25
CA SER B 205 28.03 28.91 0.16
CA SER B 205 28.02 28.92 0.17
C SER B 205 27.76 29.32 -1.29
C SER B 205 27.75 29.31 -1.29
N LEU B 206 26.59 29.91 -1.53
CA LEU B 206 26.25 30.47 -2.82
C LEU B 206 26.14 31.98 -2.78
N ASN B 207 25.64 32.53 -1.66
N ASN B 207 25.61 32.54 -1.68
CA ASN B 207 25.50 33.97 -1.43
CA ASN B 207 25.53 33.98 -1.47
C ASN B 207 26.27 34.28 -0.15
C ASN B 207 26.28 34.27 -0.16
N PRO B 208 27.61 34.31 -0.21
CA PRO B 208 28.39 34.38 1.04
C PRO B 208 28.15 35.61 1.88
N ARG B 209 27.95 36.77 1.25
CA ARG B 209 27.73 38.00 2.00
C ARG B 209 26.49 37.88 2.88
N LYS B 210 25.38 37.38 2.32
CA LYS B 210 24.19 37.17 3.13
C LYS B 210 24.44 36.14 4.23
N LEU B 211 25.10 35.03 3.89
CA LEU B 211 25.31 33.99 4.89
C LEU B 211 26.10 34.51 6.08
N ILE B 212 27.08 35.39 5.82
CA ILE B 212 27.89 35.96 6.90
C ILE B 212 27.09 36.97 7.68
N GLU B 213 26.30 37.80 6.99
CA GLU B 213 25.52 38.83 7.69
C GLU B 213 24.55 38.21 8.70
N VAL B 214 23.94 37.08 8.34
CA VAL B 214 22.95 36.47 9.22
C VAL B 214 23.59 35.44 10.14
N LYS B 215 24.90 35.25 10.06
CA LYS B 215 25.64 34.35 10.93
C LYS B 215 25.25 32.89 10.71
N PHE B 216 24.80 32.58 9.49
CA PHE B 216 24.79 31.17 9.07
C PHE B 216 26.21 30.67 8.86
N SER B 217 27.06 31.52 8.28
CA SER B 217 28.48 31.26 8.17
C SER B 217 29.23 32.37 8.89
N HIS B 218 30.54 32.21 9.01
CA HIS B 218 31.37 33.26 9.57
C HIS B 218 32.57 33.48 8.65
N LEU B 219 33.04 34.72 8.64
CA LEU B 219 34.29 35.05 7.97
C LEU B 219 35.46 34.59 8.82
N SER B 220 36.32 33.77 8.25
CA SER B 220 37.51 33.33 8.97
C SER B 220 38.43 34.50 9.26
N ARG B 221 39.20 34.38 10.36
CA ARG B 221 40.22 35.38 10.66
C ARG B 221 41.24 35.50 9.52
N ASN B 222 41.46 34.42 8.78
CA ASN B 222 42.45 34.35 7.71
C ASN B 222 41.93 34.88 6.37
N MET B 223 40.70 35.40 6.30
CA MET B 223 40.13 35.79 5.03
C MET B 223 39.36 37.10 5.16
N THR B 224 39.39 37.88 4.09
CA THR B 224 38.54 39.06 3.94
C THR B 224 37.24 38.70 3.22
N MET B 225 36.28 39.62 3.30
CA MET B 225 35.03 39.47 2.54
C MET B 225 35.31 39.41 1.05
N GLN B 226 36.12 40.35 0.54
CA GLN B 226 36.47 40.37 -0.88
C GLN B 226 37.00 39.02 -1.35
N ARG B 227 37.92 38.44 -0.58
CA ARG B 227 38.44 37.12 -0.92
C ARG B 227 37.33 36.07 -0.87
N THR B 228 36.45 36.16 0.13
CA THR B 228 35.37 35.19 0.25
C THR B 228 34.42 35.25 -0.93
N MET B 229 34.05 36.45 -1.37
CA MET B 229 33.24 36.61 -2.60
C MET B 229 33.89 35.92 -3.78
N LYS B 230 35.19 36.15 -4.00
CA LYS B 230 35.83 35.56 -5.16
C LYS B 230 35.95 34.06 -5.03
N LEU B 231 36.22 33.57 -3.81
CA LEU B 231 36.48 32.15 -3.61
C LEU B 231 35.27 31.31 -4.02
N TYR B 232 34.07 31.76 -3.69
CA TYR B 232 32.85 30.98 -3.91
C TYR B 232 32.13 31.34 -5.20
N ARG B 233 32.69 32.24 -6.01
CA ARG B 233 32.08 32.57 -7.29
C ARG B 233 31.92 31.31 -8.14
N LEU B 234 30.83 31.25 -8.88
CA LEU B 234 30.52 30.12 -9.75
C LEU B 234 30.32 30.58 -11.18
N PRO B 235 30.44 29.68 -12.15
CA PRO B 235 30.06 30.01 -13.53
C PRO B 235 28.59 30.43 -13.63
N GLU B 236 28.29 31.12 -14.74
CA GLU B 236 26.93 31.58 -15.06
C GLU B 236 26.02 30.45 -15.53
N THR B 237 26.55 29.47 -16.24
CA THR B 237 25.78 28.38 -16.81
C THR B 237 26.49 27.06 -16.55
N PRO B 238 25.75 25.96 -16.49
CA PRO B 238 26.37 24.65 -16.24
C PRO B 238 27.21 24.21 -17.43
N LYS B 239 28.11 23.27 -17.17
CA LYS B 239 29.02 22.82 -18.22
C LYS B 239 28.59 21.54 -18.91
N THR B 240 27.78 20.70 -18.27
CA THR B 240 27.52 19.36 -18.82
C THR B 240 26.66 19.42 -20.07
N ALA B 241 27.18 18.78 -21.13
CA ALA B 241 26.48 18.64 -22.40
C ALA B 241 25.12 17.99 -22.23
N GLY B 242 24.08 18.65 -22.72
CA GLY B 242 22.78 18.00 -22.78
C GLY B 242 22.02 17.98 -21.48
N LEU B 243 22.43 18.79 -20.51
CA LEU B 243 21.68 18.96 -19.28
C LEU B 243 20.38 19.73 -19.55
N ARG B 244 19.26 19.24 -19.01
CA ARG B 244 17.96 19.88 -19.18
C ARG B 244 17.03 19.39 -18.08
N PRO B 245 15.93 20.11 -17.80
CA PRO B 245 14.99 19.66 -16.77
C PRO B 245 14.34 18.34 -17.15
N MET B 246 14.06 17.54 -16.13
CA MET B 246 13.34 16.29 -16.29
C MET B 246 11.94 16.53 -16.81
N GLU B 247 11.50 15.67 -17.74
CA GLU B 247 10.20 15.73 -18.37
C GLU B 247 9.48 14.40 -18.17
N THR B 248 8.18 14.40 -18.48
CA THR B 248 7.38 13.17 -18.33
C THR B 248 7.98 12.00 -19.09
N LYS B 249 8.52 12.24 -20.30
CA LYS B 249 9.10 11.14 -21.07
C LYS B 249 10.31 10.51 -20.37
N ASP B 250 10.93 11.19 -19.41
CA ASP B 250 12.10 10.65 -18.70
C ASP B 250 11.75 9.81 -17.48
N ILE B 251 10.48 9.71 -17.09
CA ILE B 251 10.16 9.01 -15.85
C ILE B 251 10.67 7.58 -15.85
N PRO B 252 10.44 6.77 -16.91
CA PRO B 252 10.96 5.38 -16.86
C PRO B 252 12.47 5.31 -16.75
N VAL B 253 13.23 6.12 -17.49
CA VAL B 253 14.67 5.95 -17.43
C VAL B 253 15.23 6.50 -16.12
N VAL B 254 14.63 7.53 -15.54
CA VAL B 254 15.07 7.97 -14.21
C VAL B 254 14.81 6.84 -13.21
N HIS B 255 13.66 6.19 -13.32
CA HIS B 255 13.39 5.05 -12.45
C HIS B 255 14.43 3.96 -12.63
N GLN B 256 14.74 3.61 -13.88
CA GLN B 256 15.75 2.59 -14.14
C GLN B 256 17.11 3.00 -13.59
N LEU B 257 17.57 4.21 -13.92
CA LEU B 257 18.87 4.68 -13.43
C LEU B 257 18.95 4.65 -11.91
N LEU B 258 17.91 5.13 -11.23
CA LEU B 258 17.95 5.18 -9.77
C LEU B 258 17.97 3.78 -9.18
N THR B 259 17.14 2.88 -9.69
CA THR B 259 17.08 1.53 -9.16
C THR B 259 18.43 0.84 -9.23
N ARG B 260 19.08 0.90 -10.38
CA ARG B 260 20.39 0.26 -10.54
C ARG B 260 21.44 0.94 -9.68
N TYR B 261 21.42 2.28 -9.61
CA TYR B 261 22.43 3.00 -8.85
C TYR B 261 22.34 2.69 -7.36
N LEU B 262 21.13 2.52 -6.83
CA LEU B 262 20.97 2.38 -5.39
C LEU B 262 21.40 1.01 -4.87
N LYS B 263 21.54 0.02 -5.75
CA LYS B 263 21.88 -1.33 -5.30
C LYS B 263 23.22 -1.38 -4.57
N GLN B 264 24.09 -0.39 -4.75
CA GLN B 264 25.39 -0.45 -4.10
C GLN B 264 25.34 -0.03 -2.63
N PHE B 265 24.24 0.55 -2.14
CA PHE B 265 24.17 0.97 -0.74
C PHE B 265 23.35 -0.03 0.06
N HIS B 266 23.36 0.15 1.39
CA HIS B 266 22.76 -0.83 2.30
C HIS B 266 21.44 -0.39 2.92
N LEU B 267 21.08 0.89 2.85
CA LEU B 267 19.77 1.37 3.26
C LEU B 267 19.28 2.30 2.17
N THR B 268 18.22 1.89 1.46
CA THR B 268 17.75 2.59 0.26
C THR B 268 16.23 2.47 0.15
N PRO B 269 15.58 3.42 -0.52
CA PRO B 269 14.18 3.21 -0.90
C PRO B 269 14.10 2.32 -2.13
N VAL B 270 12.94 1.68 -2.28
CA VAL B 270 12.61 0.90 -3.48
C VAL B 270 11.37 1.55 -4.07
N MET B 271 11.55 2.34 -5.13
CA MET B 271 10.46 3.13 -5.66
C MET B 271 9.81 2.46 -6.86
N SER B 272 8.47 2.46 -6.88
CA SER B 272 7.74 2.16 -8.10
C SER B 272 7.92 3.30 -9.10
N GLN B 273 7.46 3.07 -10.34
CA GLN B 273 7.56 4.13 -11.33
C GLN B 273 6.68 5.33 -10.96
N GLU B 274 5.54 5.09 -10.30
CA GLU B 274 4.70 6.22 -9.86
C GLU B 274 5.35 6.99 -8.71
N GLU B 275 6.09 6.30 -7.84
CA GLU B 275 6.79 7.03 -6.80
C GLU B 275 7.91 7.87 -7.37
N VAL B 276 8.60 7.34 -8.40
CA VAL B 276 9.64 8.12 -9.07
C VAL B 276 9.05 9.40 -9.64
N GLU B 277 7.90 9.28 -10.32
CA GLU B 277 7.23 10.48 -10.80
C GLU B 277 6.97 11.45 -9.66
N HIS B 278 6.45 10.96 -8.54
CA HIS B 278 6.13 11.86 -7.44
C HIS B 278 7.36 12.55 -6.89
N TRP B 279 8.41 11.78 -6.58
CA TRP B 279 9.55 12.36 -5.89
C TRP B 279 10.45 13.19 -6.80
N PHE B 280 10.42 12.99 -8.12
CA PHE B 280 11.39 13.68 -8.97
C PHE B 280 10.82 14.62 -10.00
N TYR B 281 9.57 14.47 -10.41
CA TYR B 281 9.05 15.34 -11.46
C TYR B 281 9.09 16.80 -10.97
N PRO B 282 9.70 17.71 -11.72
CA PRO B 282 9.97 19.05 -11.16
C PRO B 282 8.68 19.78 -10.79
N GLN B 283 8.72 20.40 -9.61
CA GLN B 283 7.68 21.30 -9.14
C GLN B 283 8.39 22.55 -8.63
N GLU B 284 8.01 23.70 -9.15
CA GLU B 284 8.76 24.92 -8.85
C GLU B 284 8.73 25.20 -7.34
N ASN B 285 9.91 25.53 -6.79
CA ASN B 285 10.06 25.83 -5.37
C ASN B 285 9.80 24.63 -4.48
N ILE B 286 9.90 23.42 -5.01
CA ILE B 286 9.78 22.21 -4.20
C ILE B 286 10.90 21.23 -4.53
N ILE B 287 10.93 20.77 -5.78
CA ILE B 287 11.85 19.72 -6.21
C ILE B 287 12.32 20.04 -7.61
N ASP B 288 13.62 19.99 -7.83
CA ASP B 288 14.23 20.21 -9.13
C ASP B 288 14.99 18.97 -9.52
N THR B 289 14.81 18.53 -10.75
CA THR B 289 15.53 17.38 -11.29
C THR B 289 15.99 17.75 -12.70
N PHE B 290 17.27 17.50 -12.98
CA PHE B 290 17.82 17.73 -14.30
C PHE B 290 18.44 16.43 -14.78
N VAL B 291 18.20 16.09 -16.04
CA VAL B 291 18.76 14.88 -16.64
C VAL B 291 19.81 15.30 -17.66
N VAL B 292 20.74 14.38 -17.91
CA VAL B 292 21.72 14.54 -19.00
C VAL B 292 21.25 13.66 -20.15
N GLU B 293 20.87 14.29 -21.26
CA GLU B 293 20.49 13.57 -22.48
C GLU B 293 21.62 13.72 -23.48
N ASN B 294 22.25 12.61 -23.85
CA ASN B 294 23.51 12.67 -24.60
C ASN B 294 23.26 12.85 -26.10
N ALA B 295 24.33 12.74 -26.89
CA ALA B 295 24.26 12.96 -28.33
C ALA B 295 23.48 11.87 -29.05
N ASN B 296 23.26 10.71 -28.42
CA ASN B 296 22.40 9.67 -28.96
C ASN B 296 20.96 9.81 -28.51
N GLY B 297 20.65 10.80 -27.69
CA GLY B 297 19.30 10.92 -27.18
C GLY B 297 19.04 10.11 -25.93
N GLU B 298 20.06 9.48 -25.35
CA GLU B 298 19.90 8.68 -24.16
C GLU B 298 20.10 9.50 -22.90
N VAL B 299 19.25 9.28 -21.90
CA VAL B 299 19.44 9.89 -20.59
C VAL B 299 20.40 9.02 -19.79
N THR B 300 21.53 9.58 -19.38
CA THR B 300 22.58 8.80 -18.73
C THR B 300 22.86 9.18 -17.28
N ASP B 301 22.42 10.33 -16.82
CA ASP B 301 22.67 10.80 -15.46
C ASP B 301 21.52 11.71 -15.06
N PHE B 302 21.35 11.92 -13.75
CA PHE B 302 20.47 13.00 -13.32
C PHE B 302 20.91 13.52 -11.96
N LEU B 303 20.51 14.76 -11.69
CA LEU B 303 20.74 15.40 -10.41
C LEU B 303 19.40 15.92 -9.90
N SER B 304 19.26 16.02 -8.58
CA SER B 304 18.03 16.57 -8.02
C SER B 304 18.31 17.20 -6.67
N PHE B 305 17.54 18.24 -6.35
CA PHE B 305 17.64 18.89 -5.05
C PHE B 305 16.28 19.49 -4.70
N TYR B 306 15.92 19.45 -3.42
CA TYR B 306 14.65 20.04 -3.00
C TYR B 306 14.87 21.36 -2.29
N THR B 307 13.77 22.13 -2.21
CA THR B 307 13.78 23.51 -1.74
C THR B 307 13.23 23.56 -0.32
N LEU B 308 14.05 24.01 0.63
CA LEU B 308 13.63 24.09 2.03
C LEU B 308 14.25 25.33 2.66
N PRO B 309 13.53 26.45 2.63
CA PRO B 309 14.06 27.67 3.26
C PRO B 309 13.97 27.59 4.78
N SER B 310 14.72 28.48 5.44
CA SER B 310 14.69 28.65 6.89
C SER B 310 14.34 30.08 7.24
N THR B 311 13.46 30.24 8.21
CA THR B 311 13.20 31.54 8.79
C THR B 311 14.42 32.03 9.56
N ILE B 312 14.75 33.31 9.42
CA ILE B 312 15.82 33.93 10.21
C ILE B 312 15.16 34.70 11.35
N MET B 313 15.43 34.27 12.58
CA MET B 313 14.77 34.85 13.75
C MET B 313 15.51 36.10 14.22
N ASN B 314 14.74 37.09 14.66
CA ASN B 314 15.29 38.26 15.34
C ASN B 314 16.22 39.08 14.46
N HIS B 315 16.02 39.07 13.14
CA HIS B 315 16.87 39.92 12.33
C HIS B 315 16.03 41.00 11.66
N PRO B 316 16.45 42.27 11.79
CA PRO B 316 15.63 43.38 11.25
C PRO B 316 15.48 43.36 9.74
N THR B 317 16.51 42.97 9.00
CA THR B 317 16.49 43.09 7.55
C THR B 317 16.29 41.76 6.84
N HIS B 318 17.09 40.74 7.17
CA HIS B 318 17.00 39.45 6.51
C HIS B 318 16.05 38.54 7.28
N LYS B 319 15.03 38.02 6.58
CA LYS B 319 13.97 37.25 7.21
C LYS B 319 13.97 35.78 6.85
N SER B 320 14.61 35.41 5.74
N SER B 320 14.64 35.41 5.75
CA SER B 320 14.55 34.05 5.25
CA SER B 320 14.57 34.04 5.26
C SER B 320 15.85 33.70 4.55
C SER B 320 15.87 33.70 4.55
N LEU B 321 16.25 32.43 4.65
CA LEU B 321 17.43 31.90 3.99
C LEU B 321 16.98 30.81 3.02
N LYS B 322 17.27 30.99 1.73
CA LYS B 322 16.82 30.04 0.71
C LYS B 322 17.86 28.94 0.55
N ALA B 323 17.50 27.72 0.96
CA ALA B 323 18.44 26.61 0.97
C ALA B 323 17.96 25.50 0.03
N ALA B 324 18.90 24.95 -0.73
CA ALA B 324 18.68 23.76 -1.55
C ALA B 324 19.34 22.56 -0.90
N TYR B 325 18.65 21.42 -0.94
CA TYR B 325 19.12 20.19 -0.32
C TYR B 325 19.35 19.12 -1.38
N SER B 326 20.58 18.62 -1.46
CA SER B 326 20.88 17.49 -2.33
C SER B 326 19.93 16.33 -2.06
N PHE B 327 19.36 15.77 -3.14
CA PHE B 327 18.36 14.73 -3.04
C PHE B 327 19.00 13.45 -3.53
N TYR B 328 18.70 12.98 -4.74
CA TYR B 328 19.40 11.83 -5.31
C TYR B 328 20.11 12.25 -6.59
N ASN B 329 21.37 11.84 -6.71
CA ASN B 329 22.20 12.16 -7.87
C ASN B 329 22.78 10.86 -8.41
N VAL B 330 22.48 10.56 -9.67
CA VAL B 330 22.86 9.28 -10.26
C VAL B 330 23.76 9.59 -11.45
N HIS B 331 24.95 8.99 -11.47
CA HIS B 331 25.89 9.17 -12.56
C HIS B 331 26.23 7.82 -13.18
N THR B 332 26.17 7.75 -14.52
CA THR B 332 26.70 6.59 -15.23
C THR B 332 27.65 6.98 -16.37
N GLN B 333 27.62 8.22 -16.84
CA GLN B 333 28.50 8.63 -17.94
C GLN B 333 29.19 9.94 -17.59
N THR B 334 28.50 10.80 -16.85
CA THR B 334 29.06 12.07 -16.39
C THR B 334 29.69 11.89 -15.01
N PRO B 335 30.90 12.42 -14.76
CA PRO B 335 31.47 12.30 -13.42
C PRO B 335 30.61 13.02 -12.39
N LEU B 336 30.50 12.41 -11.21
CA LEU B 336 29.68 12.98 -10.16
C LEU B 336 30.14 14.40 -9.81
N LEU B 337 31.45 14.64 -9.86
CA LEU B 337 31.98 15.97 -9.55
C LEU B 337 31.42 17.02 -10.51
N ASP B 338 31.36 16.70 -11.80
CA ASP B 338 30.80 17.62 -12.79
C ASP B 338 29.30 17.78 -12.59
N LEU B 339 28.60 16.68 -12.31
CA LEU B 339 27.18 16.76 -12.03
C LEU B 339 26.90 17.69 -10.86
N MET B 340 27.63 17.52 -9.77
CA MET B 340 27.36 18.35 -8.60
C MET B 340 27.80 19.79 -8.84
N SER B 341 28.85 19.99 -9.66
N SER B 341 28.85 19.98 -9.65
CA SER B 341 29.21 21.35 -10.03
CA SER B 341 29.23 21.33 -10.07
C SER B 341 28.06 22.04 -10.75
C SER B 341 28.06 22.03 -10.74
N ASP B 342 27.38 21.34 -11.65
CA ASP B 342 26.24 21.93 -12.33
C ASP B 342 25.07 22.12 -11.39
N ALA B 343 24.89 21.24 -10.41
CA ALA B 343 23.85 21.44 -9.40
C ALA B 343 24.07 22.76 -8.66
N LEU B 344 25.33 23.07 -8.30
CA LEU B 344 25.62 24.33 -7.63
C LEU B 344 25.29 25.52 -8.51
N VAL B 345 25.70 25.45 -9.79
CA VAL B 345 25.43 26.54 -10.71
C VAL B 345 23.93 26.74 -10.87
N LEU B 346 23.17 25.65 -11.01
CA LEU B 346 21.72 25.76 -11.17
C LEU B 346 21.06 26.34 -9.93
N ALA B 347 21.49 25.91 -8.74
CA ALA B 347 20.93 26.48 -7.51
C ALA B 347 21.25 27.96 -7.41
N LYS B 348 22.47 28.35 -7.73
CA LYS B 348 22.82 29.76 -7.74
C LYS B 348 21.91 30.53 -8.69
N MET B 349 21.71 30.00 -9.90
CA MET B 349 20.84 30.64 -10.88
C MET B 349 19.43 30.81 -10.37
N LYS B 350 18.94 29.88 -9.56
CA LYS B 350 17.57 29.90 -9.08
C LYS B 350 17.40 30.75 -7.83
N GLY B 351 18.43 31.41 -7.35
CA GLY B 351 18.30 32.31 -6.21
C GLY B 351 18.60 31.71 -4.85
N PHE B 352 19.13 30.49 -4.78
CA PHE B 352 19.42 29.91 -3.47
C PHE B 352 20.62 30.58 -2.82
N ASP B 353 20.61 30.64 -1.49
CA ASP B 353 21.71 31.22 -0.73
C ASP B 353 22.77 30.19 -0.35
N VAL B 354 22.39 28.92 -0.23
CA VAL B 354 23.28 27.87 0.21
C VAL B 354 22.78 26.56 -0.38
N PHE B 355 23.71 25.63 -0.61
CA PHE B 355 23.39 24.30 -1.11
C PHE B 355 23.90 23.33 -0.06
N ASN B 356 23.00 22.49 0.47
CA ASN B 356 23.32 21.56 1.54
C ASN B 356 23.38 20.14 1.00
N ALA B 357 24.28 19.34 1.57
CA ALA B 357 24.35 17.93 1.20
C ALA B 357 24.92 17.15 2.36
N LEU B 358 24.43 15.93 2.51
CA LEU B 358 24.89 15.00 3.53
C LEU B 358 26.14 14.28 3.04
N ASP B 359 26.86 13.66 3.98
CA ASP B 359 28.03 12.89 3.62
C ASP B 359 27.72 11.43 3.30
N LEU B 360 26.48 11.12 2.93
CA LEU B 360 26.11 9.75 2.60
C LEU B 360 26.35 9.46 1.12
N MET B 361 25.94 8.26 0.71
CA MET B 361 26.23 7.74 -0.63
C MET B 361 27.68 8.08 -1.00
N GLU B 362 27.93 8.60 -2.20
CA GLU B 362 29.30 8.91 -2.59
C GLU B 362 29.65 10.37 -2.43
N ASN B 363 28.90 11.10 -1.60
CA ASN B 363 29.04 12.54 -1.57
C ASN B 363 30.41 12.97 -1.05
N LYS B 364 31.04 12.17 -0.18
CA LYS B 364 32.36 12.55 0.32
C LYS B 364 33.37 12.69 -0.80
N THR B 365 33.14 12.05 -1.94
CA THR B 365 34.07 12.21 -3.05
C THR B 365 34.08 13.62 -3.64
N PHE B 366 33.05 14.45 -3.39
CA PHE B 366 33.04 15.78 -3.97
C PHE B 366 32.95 16.92 -2.98
N LEU B 367 32.68 16.67 -1.70
CA LEU B 367 32.36 17.76 -0.79
C LEU B 367 33.50 18.77 -0.67
N GLU B 368 34.71 18.30 -0.38
CA GLU B 368 35.81 19.25 -0.20
C GLU B 368 36.24 19.85 -1.53
N LYS B 369 36.24 19.05 -2.60
CA LYS B 369 36.66 19.56 -3.89
C LYS B 369 35.75 20.70 -4.36
N LEU B 370 34.46 20.67 -4.03
CA LEU B 370 33.55 21.73 -4.46
C LEU B 370 33.36 22.80 -3.41
N LYS B 371 34.25 22.86 -2.41
CA LYS B 371 34.30 23.94 -1.42
C LYS B 371 33.11 23.92 -0.47
N PHE B 372 32.57 22.74 -0.18
CA PHE B 372 31.65 22.61 0.93
C PHE B 372 32.41 22.75 2.24
N GLY B 373 31.76 23.33 3.25
CA GLY B 373 32.27 23.35 4.61
C GLY B 373 31.39 22.50 5.51
N ILE B 374 32.00 21.90 6.53
CA ILE B 374 31.28 20.97 7.40
C ILE B 374 30.29 21.73 8.28
N GLY B 375 29.14 21.10 8.55
CA GLY B 375 28.10 21.68 9.37
C GLY B 375 28.23 21.28 10.84
N ASP B 376 27.35 21.84 11.66
CA ASP B 376 27.44 21.68 13.11
C ASP B 376 26.47 20.66 13.66
N GLY B 377 26.01 19.71 12.85
CA GLY B 377 25.05 18.73 13.35
C GLY B 377 25.22 17.37 12.72
N ASN B 378 24.92 16.34 13.50
CA ASN B 378 24.86 14.97 12.99
C ASN B 378 23.41 14.57 12.81
N LEU B 379 23.07 14.09 11.63
CA LEU B 379 21.76 13.52 11.33
C LEU B 379 21.83 12.02 11.55
N GLN B 380 21.14 11.53 12.58
CA GLN B 380 21.11 10.11 12.89
C GLN B 380 19.97 9.45 12.10
N TYR B 381 20.24 8.25 11.58
CA TYR B 381 19.25 7.42 10.90
C TYR B 381 18.87 6.27 11.80
N TYR B 382 17.58 5.94 11.84
CA TYR B 382 17.02 4.94 12.75
C TYR B 382 16.03 4.05 12.05
N LEU B 383 15.95 2.80 12.51
CA LEU B 383 14.92 1.85 12.13
C LEU B 383 14.17 1.44 13.40
N TYR B 384 12.85 1.37 13.30
CA TYR B 384 12.01 0.93 14.40
C TYR B 384 11.67 -0.53 14.22
N ASN B 385 11.89 -1.33 15.27
CA ASN B 385 11.56 -2.77 15.26
C ASN B 385 12.34 -3.52 14.18
N TRP B 386 13.60 -3.13 13.97
CA TRP B 386 14.47 -3.87 13.06
C TRP B 386 15.89 -3.86 13.58
N LYS B 387 16.46 -5.04 13.81
CA LYS B 387 17.82 -5.20 14.30
C LYS B 387 18.75 -5.46 13.12
N CYS B 388 19.82 -4.69 13.01
CA CYS B 388 20.83 -4.95 12.00
C CYS B 388 22.10 -4.20 12.39
N PRO B 389 23.25 -4.58 11.84
CA PRO B 389 24.49 -3.84 12.13
C PRO B 389 24.41 -2.42 11.60
N SER B 390 25.06 -1.51 12.33
CA SER B 390 25.16 -0.15 11.85
C SER B 390 26.04 -0.10 10.59
N MET B 391 25.99 1.03 9.91
CA MET B 391 26.73 1.18 8.66
C MET B 391 27.34 2.58 8.61
N GLY B 392 28.42 2.71 7.84
CA GLY B 392 29.00 4.01 7.62
C GLY B 392 28.13 4.87 6.73
N ALA B 393 28.37 6.17 6.79
CA ALA B 393 27.55 7.12 6.04
C ALA B 393 27.54 6.79 4.55
N GLU B 394 28.69 6.38 4.00
CA GLU B 394 28.80 6.11 2.58
C GLU B 394 27.94 4.93 2.12
N LYS B 395 27.40 4.13 3.03
CA LYS B 395 26.48 3.06 2.66
C LYS B 395 25.03 3.42 2.92
N VAL B 396 24.74 4.60 3.46
CA VAL B 396 23.37 5.08 3.58
C VAL B 396 22.96 5.66 2.22
N GLY B 397 21.84 5.18 1.70
CA GLY B 397 21.39 5.57 0.37
C GLY B 397 19.94 6.02 0.40
N LEU B 398 19.58 6.75 1.44
CA LEU B 398 18.21 7.18 1.68
C LEU B 398 18.22 8.63 2.12
N VAL B 399 17.45 9.47 1.43
CA VAL B 399 17.36 10.89 1.76
C VAL B 399 15.88 11.20 2.01
N LEU B 400 15.57 11.73 3.19
CA LEU B 400 14.22 12.16 3.53
C LEU B 400 14.10 13.68 3.31
N GLN B 401 13.05 14.29 3.85
CA GLN B 401 12.83 15.73 3.66
C GLN B 401 12.82 16.48 4.99
N GLY C 1 -12.54 -13.92 -12.33
CA GLY C 1 -13.84 -13.69 -11.76
C GLY C 1 -14.35 -14.96 -11.11
N ASN C 2 -15.53 -14.89 -10.49
CA ASN C 2 -16.17 -16.02 -9.85
C ASN C 2 -16.86 -16.91 -10.90
N LEU C 3 -17.34 -18.06 -10.44
CA LEU C 3 -18.06 -19.02 -11.29
C LEU C 3 -19.48 -19.19 -10.76
N LEU C 4 -20.47 -19.19 -11.66
CA LEU C 4 -21.86 -19.38 -11.24
C LEU C 4 -22.18 -20.86 -11.40
N SER C 5 -22.16 -21.60 -10.31
CA SER C 5 -22.40 -23.04 -10.33
C SER C 5 -23.81 -23.36 -9.86
N LYS C 6 -24.30 -24.53 -10.26
CA LYS C 6 -25.57 -25.07 -9.76
C LYS C 6 -25.40 -26.57 -9.61
N PHE C 7 -26.43 -27.24 -9.07
CA PHE C 7 -26.32 -28.66 -8.83
C PHE C 7 -26.00 -29.41 -10.12
N ARG C 8 -25.02 -30.32 -10.05
CA ARG C 8 -24.74 -31.25 -11.12
C ARG C 8 -26.00 -32.09 -11.33
N GLY D 1 12.46 13.70 12.10
CA GLY D 1 12.44 14.87 11.24
C GLY D 1 13.85 15.21 10.81
N ASN D 2 13.99 16.26 10.01
CA ASN D 2 15.27 16.70 9.50
C ASN D 2 16.04 17.49 10.57
N LEU D 3 17.28 17.84 10.27
CA LEU D 3 18.13 18.61 11.16
C LEU D 3 18.53 19.89 10.45
N LEU D 4 18.45 21.01 11.16
CA LEU D 4 18.79 22.31 10.59
C LEU D 4 20.23 22.61 11.00
N SER D 5 21.14 22.38 10.06
CA SER D 5 22.56 22.54 10.30
C SER D 5 23.04 23.86 9.72
N LYS D 6 24.15 24.38 10.26
CA LYS D 6 24.85 25.52 9.70
C LYS D 6 26.34 25.24 9.77
N PHE D 7 27.14 26.14 9.23
CA PHE D 7 28.58 25.93 9.21
C PHE D 7 29.11 25.75 10.63
N ARG D 8 29.87 24.68 10.85
CA ARG D 8 30.63 24.53 12.09
C ARG D 8 31.63 25.67 12.22
#